data_1D0X
#
_entry.id   1D0X
#
_cell.length_a   104.000
_cell.length_b   180.500
_cell.length_c   54.000
_cell.angle_alpha   90.00
_cell.angle_beta   90.00
_cell.angle_gamma   90.00
#
_symmetry.space_group_name_H-M   'P 21 21 2'
#
loop_
_entity.id
_entity.type
_entity.pdbx_description
1 polymer 'MYOSIN S1DC MOTOR DOMAIN'
2 non-polymer 'MAGNESIUM ION'
3 non-polymer 'M-NITROPHENYL AMINOETHYLDIPHOSPHATE BERYLLIUM TRIFLUORIDE'
4 water water
#
_entity_poly.entity_id   1
_entity_poly.type   'polypeptide(L)'
_entity_poly.pdbx_seq_one_letter_code
;MNPIHDRTSDYHKYLKVKQGDSDLFKLTVSDKRYIWYNPDPKERDSYECGEIVSETSDSFTFKTVDGQDRQVKKDDANQR
NPIKFDGVEDMSELSYLNEPAVFHNLRVRYNQDLIYTYSGLFLVAVNPFKRIPIYTQEMVDIFKGRRRNEVAPHIFAISD
VAYRSMLDDRQNQSLLITGESGAGKTENTKKVIQYLASVAGRNQANGSGVLEQQILQANPILEAFGNAKTTRNNNSSRFG
KFIEIQFNNAGFISGASIQSYLLEKSRVVFQSETERNYHIFYQLLAGATAEEKKALHLAGPESFNYLNQSGCVDIKGVSD
SEEFKITRQAMDIVGFSQEEQMSIFKIIAGILHLGNIKFEKGAGEGAVLKDKTALNAASTVFGVNPSVLEKALMEPRILA
GRDLVAQHLNVEKSSSSRDALVKALYGRLFLWLVKKINNVLCQERKAYFIGVLDISGFEIFKVNSFEQLCINYTNEKLQQ
FFNHHMFKLEQEEYLKEKINWTFIDFGLDSQATIDLIDGRQPPGILALLDEQSVFPNATDNTLITKLHSHFSKKNAKYEE
PRFSKTEFGVTHYAGQVMYEIQDWLEKNKDPLQQDLELCFKDSSDNVVTKLFNDPNIASRAKKGANFITVAAQYKEQLAS
LMATLETTNPHFVRCIIPNNKQLPAKLEDKVVLDQLRCNGVLEGIRITRKGFPNRIIYADFVKRYYLLAPNVPRDAEDSQ
KATDAVLKHLNIDPEQYRFGITKIFFRAGQLARIEEAREPN
;
_entity_poly.pdbx_strand_id   A
#
loop_
_chem_comp.id
_chem_comp.type
_chem_comp.name
_chem_comp.formula
MG non-polymer 'MAGNESIUM ION' 'Mg 2'
MNQ non-polymer 'M-NITROPHENYL AMINOETHYLDIPHOSPHATE BERYLLIUM TRIFLUORIDE' 'C8 H11 Be F3 N2 O9 P2 -1'
#
# COMPACT_ATOMS: atom_id res chain seq x y z
N ASN A 2 20.18 29.01 4.74
CA ASN A 2 19.16 28.19 4.09
C ASN A 2 19.80 26.89 3.65
N PRO A 3 19.50 25.85 4.41
CA PRO A 3 20.03 24.55 4.13
C PRO A 3 19.92 24.23 2.67
N ILE A 4 18.89 24.79 1.97
CA ILE A 4 18.69 24.53 0.55
C ILE A 4 19.79 25.15 -0.26
N HIS A 5 20.44 26.18 0.30
CA HIS A 5 21.53 26.83 -0.39
C HIS A 5 22.90 26.56 0.23
N ASP A 6 22.89 25.97 1.42
CA ASP A 6 24.12 25.56 2.09
C ASP A 6 24.53 24.10 1.76
N ARG A 7 25.40 23.91 0.76
CA ARG A 7 25.96 22.63 0.29
C ARG A 7 26.56 21.81 1.40
N THR A 8 26.63 22.32 2.60
CA THR A 8 27.17 21.56 3.73
C THR A 8 26.05 21.05 4.64
N SER A 9 24.79 21.46 4.44
CA SER A 9 23.72 20.93 5.29
C SER A 9 23.36 19.44 5.08
N ASP A 10 22.70 18.81 6.09
CA ASP A 10 22.23 17.43 6.01
C ASP A 10 21.23 17.28 4.89
N TYR A 11 20.58 18.42 4.53
CA TYR A 11 19.60 18.48 3.49
C TYR A 11 20.37 18.10 2.25
N HIS A 12 21.46 18.80 2.10
CA HIS A 12 22.29 18.49 0.96
C HIS A 12 22.87 17.09 1.00
N LYS A 13 23.46 16.68 2.13
CA LYS A 13 24.09 15.33 2.25
C LYS A 13 23.14 14.20 1.92
N TYR A 14 22.01 14.30 2.56
CA TYR A 14 20.99 13.27 2.50
C TYR A 14 19.91 13.30 1.41
N LEU A 15 19.62 14.46 0.79
CA LEU A 15 18.54 14.47 -0.19
C LEU A 15 18.92 14.92 -1.57
N LYS A 16 20.19 15.24 -1.73
CA LYS A 16 20.51 15.71 -3.06
C LYS A 16 21.71 15.01 -3.66
N VAL A 17 21.84 15.06 -4.98
CA VAL A 17 23.03 14.56 -5.59
C VAL A 17 24.10 15.59 -5.25
N LYS A 18 25.29 15.18 -4.75
CA LYS A 18 26.34 16.12 -4.34
C LYS A 18 26.82 17.03 -5.48
N GLN A 19 26.90 18.34 -5.25
CA GLN A 19 27.31 19.22 -6.31
C GLN A 19 28.66 19.75 -6.03
N GLY A 20 29.50 19.67 -7.07
CA GLY A 20 30.86 20.15 -6.96
C GLY A 20 30.93 21.60 -7.44
N ASP A 21 32.13 22.12 -7.50
CA ASP A 21 32.44 23.47 -7.94
C ASP A 21 31.82 23.84 -9.26
N SER A 22 32.25 23.19 -10.36
CA SER A 22 31.71 23.50 -11.69
C SER A 22 30.42 22.83 -12.09
N ASP A 23 29.76 23.53 -12.98
CA ASP A 23 28.48 23.13 -13.47
C ASP A 23 28.48 22.94 -14.98
N LEU A 24 29.51 23.53 -15.57
CA LEU A 24 29.75 23.61 -16.99
C LEU A 24 29.50 22.39 -17.87
N PHE A 25 28.84 22.60 -18.99
CA PHE A 25 28.50 21.55 -19.96
C PHE A 25 29.66 20.63 -20.32
N LYS A 26 30.79 21.26 -20.66
CA LYS A 26 32.02 20.63 -21.07
C LYS A 26 32.42 19.46 -20.17
N LEU A 27 32.15 19.56 -18.87
CA LEU A 27 32.50 18.53 -17.89
C LEU A 27 32.06 17.09 -18.29
N THR A 28 30.77 16.97 -18.78
CA THR A 28 30.12 15.73 -19.16
C THR A 28 30.29 15.31 -20.60
N VAL A 29 31.20 15.95 -21.27
CA VAL A 29 31.39 15.60 -22.64
C VAL A 29 32.09 14.26 -22.82
N SER A 30 31.63 13.46 -23.79
CA SER A 30 32.26 12.18 -24.14
C SER A 30 31.82 11.70 -25.50
N ASP A 31 32.72 11.00 -26.17
CA ASP A 31 32.47 10.41 -27.46
C ASP A 31 31.62 9.11 -27.37
N LYS A 32 31.76 8.39 -26.23
CA LYS A 32 31.08 7.10 -25.96
C LYS A 32 29.56 7.12 -25.93
N ARG A 33 28.95 6.22 -26.67
CA ARG A 33 27.50 6.06 -26.70
C ARG A 33 27.12 4.68 -26.22
N TYR A 34 26.24 4.60 -25.30
CA TYR A 34 25.98 3.26 -24.82
C TYR A 34 24.57 2.72 -25.01
N ILE A 35 24.42 1.45 -24.72
CA ILE A 35 23.11 0.84 -24.91
C ILE A 35 22.80 -0.08 -23.69
N TRP A 36 21.54 -0.34 -23.40
CA TRP A 36 21.30 -1.27 -22.30
C TRP A 36 20.90 -2.59 -22.97
N TYR A 37 21.54 -3.72 -22.63
CA TYR A 37 21.24 -5.05 -23.19
C TYR A 37 21.12 -6.09 -22.06
N ASN A 38 20.37 -7.15 -22.37
CA ASN A 38 20.26 -8.29 -21.47
C ASN A 38 21.40 -9.25 -21.83
N PRO A 39 22.45 -9.32 -21.01
CA PRO A 39 23.63 -10.16 -21.26
C PRO A 39 23.24 -11.64 -21.41
N ASP A 40 21.96 -11.83 -21.25
CA ASP A 40 21.40 -13.11 -21.32
C ASP A 40 19.90 -13.02 -21.26
N PRO A 41 19.18 -13.60 -22.23
CA PRO A 41 17.76 -13.60 -22.06
C PRO A 41 17.44 -14.80 -21.19
N LYS A 42 18.51 -15.09 -20.39
CA LYS A 42 18.77 -15.99 -19.26
C LYS A 42 18.51 -15.15 -17.97
N GLU A 43 17.81 -14.03 -18.26
CA GLU A 43 17.36 -12.94 -17.40
C GLU A 43 16.44 -12.07 -18.31
N ARG A 44 16.20 -10.81 -18.01
CA ARG A 44 15.38 -9.91 -18.81
C ARG A 44 15.20 -8.52 -18.13
N ASP A 45 15.61 -8.49 -16.81
CA ASP A 45 15.68 -7.34 -15.88
C ASP A 45 17.11 -7.16 -15.47
N SER A 46 17.86 -8.05 -16.07
CA SER A 46 19.24 -7.95 -15.87
C SER A 46 19.72 -7.39 -17.18
N TYR A 47 20.48 -6.31 -17.13
CA TYR A 47 20.99 -5.67 -18.31
C TYR A 47 22.35 -5.29 -17.98
N GLU A 48 23.10 -4.97 -19.01
CA GLU A 48 24.44 -4.48 -18.89
C GLU A 48 24.50 -3.40 -19.93
N CYS A 49 25.50 -2.54 -19.84
CA CYS A 49 25.72 -1.38 -20.67
C CYS A 49 26.72 -1.79 -21.67
N GLY A 50 26.35 -1.67 -22.92
CA GLY A 50 27.26 -2.02 -23.96
C GLY A 50 27.52 -0.75 -24.71
N GLU A 51 28.75 -0.57 -25.11
CA GLU A 51 29.17 0.59 -25.84
C GLU A 51 29.09 0.31 -27.34
N ILE A 52 28.28 1.14 -28.01
CA ILE A 52 28.08 1.09 -29.46
C ILE A 52 29.43 1.36 -30.09
N VAL A 53 29.89 0.37 -30.85
CA VAL A 53 31.16 0.42 -31.51
C VAL A 53 31.02 0.61 -33.01
N SER A 54 29.74 0.53 -33.45
CA SER A 54 29.36 0.71 -34.84
C SER A 54 27.88 0.64 -35.06
N GLU A 55 27.53 1.11 -36.25
CA GLU A 55 26.17 1.11 -36.67
C GLU A 55 25.95 1.11 -38.15
N THR A 56 24.78 0.61 -38.48
CA THR A 56 24.29 0.57 -39.83
C THR A 56 23.05 1.39 -39.81
N SER A 57 22.59 1.65 -41.01
CA SER A 57 21.43 2.48 -41.19
C SER A 57 20.19 1.92 -40.50
N ASP A 58 20.25 0.68 -40.00
CA ASP A 58 19.07 0.06 -39.37
C ASP A 58 19.27 -0.57 -37.97
N SER A 59 20.53 -0.83 -37.61
CA SER A 59 20.82 -1.46 -36.34
C SER A 59 22.13 -0.93 -35.74
N PHE A 60 22.37 -1.23 -34.46
CA PHE A 60 23.63 -0.84 -33.85
C PHE A 60 24.51 -2.05 -33.57
N THR A 61 25.76 -1.79 -33.37
CA THR A 61 26.57 -2.90 -33.01
C THR A 61 27.31 -2.51 -31.74
N PHE A 62 27.25 -3.34 -30.74
CA PHE A 62 27.98 -2.94 -29.55
C PHE A 62 28.80 -4.04 -28.85
N LYS A 63 29.76 -3.61 -28.10
CA LYS A 63 30.56 -4.55 -27.38
C LYS A 63 29.90 -4.95 -26.05
N THR A 64 30.00 -6.20 -25.66
CA THR A 64 29.48 -6.64 -24.39
C THR A 64 30.53 -6.38 -23.29
N VAL A 65 30.16 -6.78 -22.05
CA VAL A 65 31.09 -6.66 -20.93
C VAL A 65 32.33 -7.54 -21.18
N ASP A 66 32.11 -8.80 -21.59
CA ASP A 66 33.18 -9.76 -21.85
C ASP A 66 34.01 -9.36 -23.04
N GLY A 67 33.35 -8.66 -23.95
CA GLY A 67 34.09 -8.20 -25.10
C GLY A 67 33.45 -8.65 -26.39
N GLN A 68 32.35 -9.41 -26.27
CA GLN A 68 31.68 -9.89 -27.46
C GLN A 68 30.80 -8.84 -28.14
N ASP A 69 30.95 -8.79 -29.47
CA ASP A 69 30.13 -7.89 -30.25
C ASP A 69 28.78 -8.57 -30.46
N ARG A 70 27.78 -7.72 -30.24
CA ARG A 70 26.35 -8.02 -30.34
C ARG A 70 25.71 -6.95 -31.25
N GLN A 71 24.55 -7.31 -31.84
CA GLN A 71 23.91 -6.41 -32.81
C GLN A 71 22.50 -6.19 -32.46
N VAL A 72 22.08 -4.97 -32.71
CA VAL A 72 20.73 -4.62 -32.32
C VAL A 72 20.02 -3.75 -33.29
N LYS A 73 18.78 -4.07 -33.34
CA LYS A 73 17.92 -3.31 -34.11
C LYS A 73 17.76 -1.97 -33.41
N LYS A 74 17.96 -0.91 -34.19
CA LYS A 74 17.82 0.44 -33.73
C LYS A 74 16.47 0.51 -33.04
N ASP A 75 15.45 0.13 -33.76
CA ASP A 75 14.16 0.17 -33.17
C ASP A 75 13.92 -0.68 -31.96
N ASP A 76 14.96 -1.40 -31.62
CA ASP A 76 14.82 -2.22 -30.45
C ASP A 76 15.84 -1.87 -29.39
N ALA A 77 16.63 -0.82 -29.65
CA ALA A 77 17.69 -0.42 -28.74
C ALA A 77 17.18 0.32 -27.54
N ASN A 78 17.75 -0.01 -26.40
CA ASN A 78 17.38 0.68 -25.17
C ASN A 78 18.55 1.58 -24.96
N GLN A 79 18.44 2.75 -25.59
CA GLN A 79 19.50 3.74 -25.51
C GLN A 79 19.69 4.22 -24.09
N ARG A 80 20.95 4.48 -23.75
CA ARG A 80 21.35 4.90 -22.44
C ARG A 80 21.37 6.39 -22.43
N ASN A 81 20.78 6.95 -21.41
CA ASN A 81 20.82 8.41 -21.41
C ASN A 81 22.22 8.88 -21.07
N PRO A 82 22.58 10.02 -21.62
CA PRO A 82 23.87 10.66 -21.35
C PRO A 82 24.03 10.86 -19.86
N ILE A 83 25.29 10.79 -19.39
CA ILE A 83 25.71 10.85 -17.98
C ILE A 83 25.07 11.98 -17.19
N LYS A 84 24.92 13.13 -17.81
CA LYS A 84 24.30 14.28 -17.17
C LYS A 84 22.94 13.93 -16.55
N PHE A 85 22.16 13.04 -17.18
CA PHE A 85 20.88 12.64 -16.63
C PHE A 85 21.02 11.63 -15.49
N ASP A 86 22.19 11.06 -15.18
CA ASP A 86 22.20 10.07 -14.12
C ASP A 86 21.90 10.75 -12.79
N GLY A 87 20.81 10.42 -12.11
CA GLY A 87 20.58 11.11 -10.82
C GLY A 87 19.39 12.12 -10.83
N VAL A 88 18.86 12.49 -12.02
CA VAL A 88 17.72 13.45 -12.07
C VAL A 88 16.62 13.15 -11.09
N GLU A 89 16.01 14.20 -10.56
CA GLU A 89 14.99 14.06 -9.57
C GLU A 89 13.63 13.61 -10.08
N ASP A 90 13.42 13.73 -11.39
CA ASP A 90 12.15 13.29 -11.96
C ASP A 90 12.42 12.44 -13.22
N MET A 91 11.85 11.24 -13.27
CA MET A 91 12.19 10.44 -14.45
C MET A 91 11.70 11.08 -15.73
N SER A 92 10.78 12.04 -15.58
CA SER A 92 10.20 12.76 -16.71
C SER A 92 11.19 13.61 -17.44
N GLU A 93 12.36 13.73 -16.77
CA GLU A 93 13.47 14.53 -17.31
C GLU A 93 14.38 13.69 -18.18
N LEU A 94 14.17 12.37 -18.20
CA LEU A 94 15.03 11.55 -19.03
C LEU A 94 14.62 11.72 -20.48
N SER A 95 15.60 11.69 -21.41
CA SER A 95 15.34 11.78 -22.85
C SER A 95 14.93 10.39 -23.38
N TYR A 96 15.76 9.37 -23.06
CA TYR A 96 15.50 7.98 -23.39
C TYR A 96 14.73 7.35 -22.19
N LEU A 97 13.47 7.03 -22.38
CA LEU A 97 12.64 6.49 -21.32
C LEU A 97 12.35 4.98 -21.31
N ASN A 98 13.33 4.17 -21.56
CA ASN A 98 13.05 2.79 -21.59
C ASN A 98 13.17 2.21 -20.20
N GLU A 99 12.76 0.97 -20.05
CA GLU A 99 12.82 0.37 -18.74
C GLU A 99 14.15 0.39 -18.06
N PRO A 100 15.17 -0.19 -18.72
CA PRO A 100 16.51 -0.25 -18.11
C PRO A 100 16.99 1.15 -17.70
N ALA A 101 16.61 2.17 -18.55
CA ALA A 101 16.91 3.59 -18.36
C ALA A 101 16.27 4.07 -17.08
N VAL A 102 15.00 3.73 -16.93
CA VAL A 102 14.28 4.04 -15.74
C VAL A 102 14.94 3.37 -14.52
N PHE A 103 15.17 2.07 -14.64
CA PHE A 103 15.79 1.38 -13.51
C PHE A 103 17.15 2.01 -13.21
N HIS A 104 17.87 2.39 -14.23
CA HIS A 104 19.20 2.94 -13.98
C HIS A 104 19.19 4.24 -13.14
N ASN A 105 18.21 5.09 -13.43
CA ASN A 105 18.13 6.38 -12.73
C ASN A 105 17.82 6.16 -11.28
N LEU A 106 16.91 5.22 -11.05
CA LEU A 106 16.55 4.90 -9.67
C LEU A 106 17.71 4.32 -8.85
N ARG A 107 18.48 3.47 -9.51
CA ARG A 107 19.61 2.78 -8.90
C ARG A 107 20.74 3.77 -8.55
N VAL A 108 21.06 4.63 -9.54
CA VAL A 108 22.08 5.67 -9.28
C VAL A 108 21.72 6.52 -8.02
N ARG A 109 20.41 6.90 -7.93
CA ARG A 109 19.90 7.61 -6.78
C ARG A 109 20.00 6.77 -5.53
N TYR A 110 19.53 5.50 -5.64
CA TYR A 110 19.52 4.65 -4.46
C TYR A 110 20.92 4.39 -3.88
N ASN A 111 21.85 4.29 -4.80
CA ASN A 111 23.29 4.04 -4.45
C ASN A 111 23.81 5.23 -3.62
N GLN A 112 23.16 6.42 -3.72
CA GLN A 112 23.56 7.57 -2.92
C GLN A 112 22.57 7.74 -1.82
N ASP A 113 21.81 6.71 -1.54
CA ASP A 113 20.84 6.83 -0.45
C ASP A 113 19.68 7.83 -0.72
N LEU A 114 19.45 8.09 -2.02
CA LEU A 114 18.32 8.95 -2.37
C LEU A 114 17.18 8.04 -2.69
N ILE A 115 16.34 7.80 -1.71
CA ILE A 115 15.19 6.90 -1.75
C ILE A 115 13.92 7.42 -2.40
N TYR A 116 13.85 8.73 -2.59
CA TYR A 116 12.73 9.35 -3.27
C TYR A 116 13.08 9.92 -4.61
N THR A 117 12.20 9.60 -5.60
CA THR A 117 12.36 10.10 -6.96
C THR A 117 10.98 10.28 -7.60
N TYR A 118 10.71 11.39 -8.28
CA TYR A 118 9.47 11.52 -8.96
C TYR A 118 9.47 10.75 -10.28
N SER A 119 8.28 10.32 -10.72
CA SER A 119 8.11 9.79 -12.07
C SER A 119 6.92 10.55 -12.63
N GLY A 120 7.10 11.74 -13.18
CA GLY A 120 5.84 12.44 -13.58
C GLY A 120 4.95 12.72 -12.36
N LEU A 121 3.70 12.23 -12.39
CA LEU A 121 2.82 12.48 -11.26
C LEU A 121 3.15 11.62 -10.09
N PHE A 122 3.98 10.62 -10.28
CA PHE A 122 4.21 9.82 -9.07
C PHE A 122 5.48 10.25 -8.27
N LEU A 123 5.41 9.92 -6.94
CA LEU A 123 6.58 10.02 -6.14
C LEU A 123 6.91 8.53 -5.94
N VAL A 124 8.08 8.13 -6.35
CA VAL A 124 8.53 6.80 -6.14
C VAL A 124 9.34 6.77 -4.89
N ALA A 125 9.05 5.87 -4.00
CA ALA A 125 9.77 5.73 -2.74
C ALA A 125 10.37 4.28 -2.58
N VAL A 126 11.72 4.13 -2.58
CA VAL A 126 12.32 2.77 -2.42
C VAL A 126 12.81 2.55 -1.00
N ASN A 127 12.34 1.54 -0.29
CA ASN A 127 12.80 1.31 1.05
C ASN A 127 14.30 1.15 1.07
N PRO A 128 14.94 1.94 1.89
CA PRO A 128 16.38 1.82 2.07
C PRO A 128 16.72 0.65 3.04
N PHE A 129 15.78 0.30 3.90
CA PHE A 129 16.03 -0.74 4.86
C PHE A 129 17.08 -0.33 5.86
N LYS A 130 17.17 0.92 6.19
CA LYS A 130 18.09 1.45 7.19
C LYS A 130 17.60 2.84 7.49
N ARG A 131 17.93 3.43 8.63
CA ARG A 131 17.42 4.73 9.02
C ARG A 131 18.24 5.85 8.43
N ILE A 132 17.57 6.75 7.72
CA ILE A 132 18.16 7.92 7.07
C ILE A 132 17.59 9.12 7.81
N PRO A 133 18.42 9.99 8.37
CA PRO A 133 17.89 11.07 9.22
C PRO A 133 17.27 12.22 8.43
N ILE A 134 16.26 11.95 7.62
CA ILE A 134 15.63 13.04 6.86
C ILE A 134 14.20 13.39 7.32
N TYR A 135 13.78 12.99 8.46
CA TYR A 135 12.46 13.24 8.94
C TYR A 135 12.47 14.00 10.30
N THR A 136 13.51 14.76 10.59
CA THR A 136 13.61 15.52 11.82
C THR A 136 12.78 16.79 11.65
N GLN A 137 12.56 17.52 12.73
CA GLN A 137 11.77 18.75 12.62
C GLN A 137 12.39 19.74 11.71
N GLU A 138 13.75 19.71 11.82
CA GLU A 138 14.63 20.58 10.99
C GLU A 138 14.35 20.26 9.53
N MET A 139 14.21 18.95 9.18
CA MET A 139 13.90 18.65 7.76
C MET A 139 12.46 19.09 7.46
N VAL A 140 11.55 18.92 8.46
CA VAL A 140 10.17 19.34 8.23
C VAL A 140 10.17 20.80 7.81
N ASP A 141 10.91 21.60 8.54
CA ASP A 141 10.95 23.00 8.27
C ASP A 141 11.34 23.42 6.91
N ILE A 142 12.29 22.74 6.35
CA ILE A 142 12.74 23.16 5.03
C ILE A 142 11.70 23.04 3.94
N PHE A 143 10.85 22.05 4.16
CA PHE A 143 9.87 21.79 3.12
C PHE A 143 8.72 22.78 3.17
N LYS A 144 8.58 23.55 4.25
CA LYS A 144 7.49 24.53 4.29
C LYS A 144 7.34 25.48 3.11
N GLY A 145 6.16 25.43 2.55
CA GLY A 145 5.76 26.23 1.46
C GLY A 145 6.54 26.09 0.19
N ARG A 146 7.39 25.10 0.08
CA ARG A 146 8.18 24.97 -1.16
C ARG A 146 7.50 24.19 -2.24
N ARG A 147 7.64 24.67 -3.47
CA ARG A 147 7.13 23.99 -4.65
C ARG A 147 8.01 22.73 -4.93
N ARG A 148 7.38 21.82 -5.65
CA ARG A 148 7.91 20.52 -6.08
C ARG A 148 9.24 20.66 -6.69
N ASN A 149 9.34 21.63 -7.58
CA ASN A 149 10.51 21.99 -8.34
C ASN A 149 11.53 22.74 -7.50
N GLU A 150 11.18 23.11 -6.31
CA GLU A 150 12.11 23.86 -5.56
C GLU A 150 12.90 23.02 -4.60
N VAL A 151 12.39 21.87 -4.26
CA VAL A 151 13.13 21.08 -3.27
C VAL A 151 13.27 19.66 -3.78
N ALA A 152 14.17 18.89 -3.15
CA ALA A 152 14.44 17.51 -3.52
C ALA A 152 13.18 16.68 -3.35
N PRO A 153 13.07 15.53 -3.99
CA PRO A 153 11.90 14.69 -3.80
C PRO A 153 11.85 14.24 -2.37
N HIS A 154 10.64 14.13 -1.84
CA HIS A 154 10.49 13.72 -0.45
C HIS A 154 9.03 13.53 -0.14
N ILE A 155 8.70 12.63 0.78
CA ILE A 155 7.29 12.51 1.22
C ILE A 155 6.75 13.84 1.82
N PHE A 156 7.60 14.62 2.48
CA PHE A 156 7.24 15.96 3.07
C PHE A 156 6.86 16.96 1.96
N ALA A 157 7.58 16.83 0.84
CA ALA A 157 7.35 17.64 -0.27
C ALA A 157 5.93 17.42 -0.80
N ILE A 158 5.58 16.22 -1.19
CA ILE A 158 4.20 16.01 -1.63
C ILE A 158 3.14 16.38 -0.58
N SER A 159 3.44 16.15 0.71
CA SER A 159 2.53 16.52 1.78
C SER A 159 2.29 18.05 1.77
N ASP A 160 3.38 18.79 1.56
CA ASP A 160 3.31 20.24 1.47
C ASP A 160 2.50 20.65 0.28
N VAL A 161 2.86 20.13 -0.89
CA VAL A 161 2.14 20.41 -2.11
C VAL A 161 0.62 20.17 -1.90
N ALA A 162 0.26 19.09 -1.22
CA ALA A 162 -1.14 18.84 -0.98
C ALA A 162 -1.75 19.87 -0.02
N TYR A 163 -1.08 20.20 1.06
CA TYR A 163 -1.62 21.18 2.02
C TYR A 163 -1.86 22.60 1.36
N ARG A 164 -0.96 22.98 0.47
CA ARG A 164 -1.01 24.25 -0.24
C ARG A 164 -2.13 24.21 -1.24
N SER A 165 -2.28 23.06 -1.92
CA SER A 165 -3.37 22.94 -2.87
C SER A 165 -4.69 23.05 -2.15
N MET A 166 -4.76 22.48 -1.03
CA MET A 166 -5.97 22.51 -0.29
C MET A 166 -6.35 23.96 0.07
N LEU A 167 -5.40 24.69 0.60
CA LEU A 167 -5.59 26.06 1.02
C LEU A 167 -5.86 26.99 -0.12
N ASP A 168 -5.16 26.78 -1.25
CA ASP A 168 -5.26 27.59 -2.41
C ASP A 168 -6.43 27.29 -3.30
N ASP A 169 -6.78 26.06 -3.44
CA ASP A 169 -7.86 25.68 -4.35
C ASP A 169 -9.14 25.43 -3.61
N ARG A 170 -9.03 25.41 -2.29
CA ARG A 170 -10.21 25.13 -1.49
C ARG A 170 -10.82 23.82 -1.94
N GLN A 171 -9.94 22.85 -2.09
CA GLN A 171 -10.38 21.52 -2.56
C GLN A 171 -9.82 20.44 -1.66
N ASN A 172 -10.57 19.45 -1.23
CA ASN A 172 -10.01 18.34 -0.45
C ASN A 172 -8.90 17.53 -1.26
N GLN A 173 -7.98 16.81 -0.55
CA GLN A 173 -6.94 16.20 -1.33
C GLN A 173 -6.80 14.77 -0.82
N SER A 174 -6.05 13.95 -1.55
CA SER A 174 -5.81 12.61 -0.97
C SER A 174 -4.39 12.18 -1.45
N LEU A 175 -3.73 11.36 -0.62
CA LEU A 175 -2.42 10.78 -0.90
C LEU A 175 -2.65 9.27 -0.87
N LEU A 176 -2.42 8.65 -2.02
CA LEU A 176 -2.63 7.18 -2.10
C LEU A 176 -1.23 6.57 -2.06
N ILE A 177 -1.00 5.83 -0.97
CA ILE A 177 0.30 5.24 -0.70
C ILE A 177 0.14 3.71 -0.75
N THR A 178 0.59 3.11 -1.85
CA THR A 178 0.47 1.69 -2.05
C THR A 178 1.80 1.05 -2.44
N GLY A 179 1.76 -0.30 -2.49
CA GLY A 179 2.94 -1.13 -2.80
C GLY A 179 2.96 -2.34 -1.93
N GLU A 180 3.99 -3.16 -2.12
CA GLU A 180 4.15 -4.44 -1.35
C GLU A 180 4.46 -4.32 0.11
N SER A 181 4.20 -5.47 0.78
CA SER A 181 4.40 -5.53 2.22
C SER A 181 5.90 -5.27 2.46
N GLY A 182 6.24 -4.42 3.40
CA GLY A 182 7.65 -4.15 3.61
C GLY A 182 8.07 -3.04 2.74
N ALA A 183 7.23 -2.46 1.87
CA ALA A 183 7.70 -1.37 1.00
C ALA A 183 7.91 -0.03 1.70
N GLY A 184 7.24 0.25 2.80
CA GLY A 184 7.34 1.51 3.53
C GLY A 184 6.06 2.35 3.50
N LYS A 185 4.96 1.76 3.17
CA LYS A 185 3.69 2.54 3.13
C LYS A 185 3.30 3.19 4.44
N THR A 186 3.32 2.42 5.53
CA THR A 186 2.94 2.84 6.84
C THR A 186 3.89 3.87 7.39
N GLU A 187 5.12 3.63 7.13
CA GLU A 187 6.17 4.58 7.54
C GLU A 187 5.94 5.92 6.86
N ASN A 188 5.78 5.90 5.55
CA ASN A 188 5.53 7.11 4.82
C ASN A 188 4.23 7.77 5.26
N THR A 189 3.23 6.98 5.60
CA THR A 189 1.97 7.48 6.07
C THR A 189 2.15 8.24 7.42
N LYS A 190 2.95 7.69 8.31
CA LYS A 190 3.24 8.30 9.62
C LYS A 190 3.95 9.68 9.39
N LYS A 191 4.77 9.75 8.36
CA LYS A 191 5.51 10.94 7.99
C LYS A 191 4.55 11.99 7.44
N VAL A 192 3.61 11.61 6.62
CA VAL A 192 2.61 12.54 6.10
C VAL A 192 1.88 13.17 7.29
N ILE A 193 1.45 12.36 8.21
CA ILE A 193 0.73 12.91 9.37
C ILE A 193 1.60 13.77 10.28
N GLN A 194 2.86 13.42 10.40
CA GLN A 194 3.76 14.14 11.24
C GLN A 194 3.94 15.53 10.63
N TYR A 195 4.12 15.55 9.31
CA TYR A 195 4.32 16.77 8.56
C TYR A 195 3.14 17.70 8.71
N LEU A 196 1.97 17.13 8.48
CA LEU A 196 0.75 17.91 8.59
C LEU A 196 0.53 18.46 10.00
N ALA A 197 0.72 17.63 11.00
CA ALA A 197 0.50 18.07 12.35
C ALA A 197 1.45 19.19 12.65
N SER A 198 2.61 19.20 12.05
CA SER A 198 3.51 20.32 12.32
C SER A 198 3.24 21.58 11.49
N VAL A 199 2.98 21.46 10.19
CA VAL A 199 2.72 22.69 9.44
C VAL A 199 1.36 23.29 9.76
N ALA A 200 0.40 22.54 10.33
CA ALA A 200 -0.94 23.06 10.56
C ALA A 200 -1.45 22.87 11.93
N GLY A 201 -0.59 22.46 12.81
CA GLY A 201 -1.06 22.14 14.15
C GLY A 201 -1.18 23.40 14.98
N ARG A 202 -2.04 23.32 15.97
CA ARG A 202 -2.22 24.46 16.85
C ARG A 202 -1.18 24.40 17.98
N ASN A 203 -0.04 25.10 17.80
CA ASN A 203 1.09 25.10 18.73
C ASN A 203 0.76 25.03 20.23
N GLY A 209 -0.37 20.01 21.12
CA GLY A 209 -1.76 20.29 21.44
C GLY A 209 -2.50 18.99 21.74
N VAL A 210 -3.56 19.03 22.56
CA VAL A 210 -4.26 17.81 22.87
C VAL A 210 -4.63 16.98 21.63
N LEU A 211 -5.34 17.61 20.68
CA LEU A 211 -5.84 17.00 19.45
C LEU A 211 -4.75 16.36 18.62
N GLU A 212 -3.79 17.16 18.33
CA GLU A 212 -2.71 16.67 17.56
C GLU A 212 -2.07 15.46 18.24
N GLN A 213 -1.98 15.55 19.53
CA GLN A 213 -1.38 14.49 20.29
C GLN A 213 -2.22 13.25 20.13
N GLN A 214 -3.54 13.43 20.24
CA GLN A 214 -4.48 12.34 20.09
C GLN A 214 -4.48 11.73 18.70
N ILE A 215 -4.45 12.57 17.70
CA ILE A 215 -4.40 12.07 16.36
C ILE A 215 -3.14 11.22 16.24
N LEU A 216 -2.02 11.73 16.75
CA LEU A 216 -0.78 10.97 16.63
C LEU A 216 -0.79 9.69 17.40
N GLN A 217 -1.40 9.69 18.52
CA GLN A 217 -1.37 8.48 19.31
C GLN A 217 -2.41 7.50 18.81
N ALA A 218 -3.17 7.85 17.83
CA ALA A 218 -4.16 6.84 17.45
C ALA A 218 -3.57 5.65 16.71
N ASN A 219 -2.61 5.98 15.88
CA ASN A 219 -1.97 4.99 15.08
C ASN A 219 -1.28 3.84 15.91
N PRO A 220 -0.51 4.15 16.93
CA PRO A 220 0.11 3.13 17.80
C PRO A 220 -0.84 2.14 18.42
N ILE A 221 -2.05 2.63 18.65
CA ILE A 221 -3.13 1.83 19.22
C ILE A 221 -3.57 0.81 18.17
N LEU A 222 -3.79 1.33 16.96
CA LEU A 222 -4.24 0.53 15.87
C LEU A 222 -3.16 -0.40 15.43
N GLU A 223 -1.89 0.01 15.49
CA GLU A 223 -0.79 -0.88 15.08
C GLU A 223 -0.62 -2.02 16.05
N ALA A 224 -0.96 -1.81 17.34
CA ALA A 224 -0.83 -2.89 18.33
C ALA A 224 -1.80 -4.01 18.05
N PHE A 225 -3.00 -3.66 17.60
CA PHE A 225 -4.03 -4.63 17.35
C PHE A 225 -4.19 -5.15 15.90
N GLY A 226 -3.61 -4.40 14.96
CA GLY A 226 -3.72 -4.76 13.53
C GLY A 226 -2.43 -5.04 12.81
N ASN A 227 -1.32 -5.05 13.54
CA ASN A 227 -0.07 -5.31 12.86
C ASN A 227 0.55 -6.50 13.58
N ALA A 228 1.41 -7.22 12.82
CA ALA A 228 2.07 -8.43 13.28
C ALA A 228 3.31 -8.69 12.46
N LYS A 229 4.22 -9.45 13.09
CA LYS A 229 5.41 -9.81 12.31
C LYS A 229 5.07 -10.90 11.27
N THR A 230 5.43 -10.70 10.00
CA THR A 230 5.22 -11.70 8.98
C THR A 230 6.61 -12.00 8.42
N THR A 231 6.70 -12.91 7.50
CA THR A 231 8.06 -13.13 6.97
C THR A 231 8.50 -11.96 6.03
N ARG A 232 7.58 -11.10 5.65
CA ARG A 232 7.93 -9.95 4.83
C ARG A 232 8.13 -8.59 5.62
N ASN A 233 7.64 -8.48 6.86
CA ASN A 233 7.75 -7.26 7.62
C ASN A 233 7.47 -7.55 9.05
N ASN A 234 8.41 -7.12 9.88
CA ASN A 234 8.30 -7.24 11.32
C ASN A 234 7.15 -6.45 11.88
N ASN A 235 6.67 -5.52 11.07
CA ASN A 235 5.57 -4.73 11.60
C ASN A 235 4.54 -4.59 10.50
N SER A 236 4.09 -5.72 9.93
CA SER A 236 3.12 -5.72 8.84
C SER A 236 1.71 -5.22 9.24
N SER A 237 1.16 -4.34 8.37
CA SER A 237 -0.18 -3.87 8.66
C SER A 237 -1.08 -4.98 8.15
N ARG A 238 -1.87 -5.58 9.02
CA ARG A 238 -2.77 -6.64 8.55
C ARG A 238 -4.16 -6.06 8.29
N PHE A 239 -4.22 -4.82 7.89
CA PHE A 239 -5.50 -4.20 7.60
C PHE A 239 -5.15 -3.02 6.77
N GLY A 240 -6.06 -2.53 5.96
CA GLY A 240 -5.83 -1.36 5.16
C GLY A 240 -6.53 -0.19 5.84
N LYS A 241 -6.14 1.02 5.48
CA LYS A 241 -6.80 2.14 6.13
C LYS A 241 -6.82 3.39 5.26
N PHE A 242 -7.88 4.19 5.50
CA PHE A 242 -8.02 5.48 4.86
C PHE A 242 -8.12 6.51 6.01
N ILE A 243 -7.11 7.37 6.18
CA ILE A 243 -7.12 8.36 7.25
C ILE A 243 -7.53 9.76 6.73
N GLU A 244 -8.60 10.35 7.29
CA GLU A 244 -8.93 11.70 6.83
C GLU A 244 -8.38 12.69 7.86
N ILE A 245 -7.42 13.51 7.45
CA ILE A 245 -6.92 14.53 8.36
C ILE A 245 -7.79 15.76 8.03
N GLN A 246 -8.59 16.23 9.05
CA GLN A 246 -9.61 17.30 8.90
C GLN A 246 -9.08 18.66 9.32
N PHE A 247 -9.40 19.68 8.51
CA PHE A 247 -8.90 21.06 8.76
C PHE A 247 -10.01 22.08 8.80
N ASN A 248 -9.89 23.20 9.59
CA ASN A 248 -10.97 24.19 9.46
C ASN A 248 -10.68 25.11 8.29
N ASN A 249 -11.51 26.12 8.04
CA ASN A 249 -11.18 26.92 6.88
C ASN A 249 -9.91 27.74 7.05
N ALA A 250 -9.40 27.90 8.27
CA ALA A 250 -8.18 28.65 8.28
C ALA A 250 -7.00 27.72 8.05
N GLY A 251 -7.25 26.43 7.88
CA GLY A 251 -6.10 25.58 7.59
C GLY A 251 -5.41 24.90 8.76
N PHE A 252 -6.05 24.97 9.90
CA PHE A 252 -5.60 24.34 11.09
C PHE A 252 -6.30 23.00 11.23
N ILE A 253 -5.56 22.00 11.82
CA ILE A 253 -6.10 20.66 12.02
C ILE A 253 -7.34 20.67 12.87
N SER A 254 -8.47 20.23 12.38
CA SER A 254 -9.58 20.29 13.29
C SER A 254 -10.08 18.97 13.68
N GLY A 255 -9.57 17.90 13.07
CA GLY A 255 -10.05 16.59 13.50
C GLY A 255 -9.43 15.47 12.68
N ALA A 256 -10.03 14.31 12.78
CA ALA A 256 -9.59 13.22 11.93
C ALA A 256 -10.58 12.09 12.12
N SER A 257 -10.51 11.19 11.13
CA SER A 257 -11.32 9.98 11.00
C SER A 257 -10.46 8.87 10.38
N ILE A 258 -10.82 7.64 10.73
CA ILE A 258 -10.15 6.44 10.23
C ILE A 258 -11.18 5.42 9.76
N GLN A 259 -10.90 4.90 8.58
CA GLN A 259 -11.67 3.82 8.06
C GLN A 259 -10.71 2.61 7.90
N SER A 260 -11.02 1.44 8.46
CA SER A 260 -10.16 0.28 8.32
C SER A 260 -10.77 -0.75 7.37
N TYR A 261 -10.00 -1.57 6.68
CA TYR A 261 -10.58 -2.54 5.80
C TYR A 261 -9.84 -3.88 5.91
N LEU A 262 -10.54 -4.97 5.60
CA LEU A 262 -9.92 -6.28 5.46
C LEU A 262 -8.93 -6.69 6.55
N LEU A 263 -9.34 -6.58 7.78
CA LEU A 263 -8.47 -7.03 8.85
C LEU A 263 -8.37 -8.57 8.73
N GLU A 264 -7.16 -9.09 8.89
CA GLU A 264 -6.87 -10.52 8.77
C GLU A 264 -7.19 -11.21 10.06
N LYS A 265 -8.48 -11.44 10.31
CA LYS A 265 -8.90 -12.10 11.52
C LYS A 265 -8.35 -13.50 11.63
N SER A 266 -8.05 -14.16 10.51
CA SER A 266 -7.58 -15.52 10.64
C SER A 266 -6.24 -15.65 11.37
N ARG A 267 -5.42 -14.62 11.33
CA ARG A 267 -4.13 -14.68 12.02
C ARG A 267 -4.28 -14.86 13.48
N VAL A 268 -5.48 -14.54 13.97
CA VAL A 268 -5.64 -14.71 15.40
C VAL A 268 -5.50 -16.17 15.83
N VAL A 269 -5.99 -17.07 14.99
CA VAL A 269 -6.05 -18.47 15.30
C VAL A 269 -4.96 -19.29 14.60
N PHE A 270 -4.21 -18.66 13.72
CA PHE A 270 -3.17 -19.41 13.05
C PHE A 270 -2.09 -18.54 12.51
N GLN A 271 -0.82 -18.87 12.67
CA GLN A 271 0.19 -18.08 11.99
C GLN A 271 1.14 -19.06 11.34
N SER A 272 1.73 -18.77 10.19
CA SER A 272 2.75 -19.61 9.57
C SER A 272 4.04 -19.54 10.38
N GLU A 273 4.95 -20.48 10.10
CA GLU A 273 6.27 -20.54 10.78
C GLU A 273 7.05 -19.22 10.69
N THR A 274 7.61 -18.88 11.86
CA THR A 274 8.44 -17.69 12.08
C THR A 274 7.56 -16.45 12.22
N GLU A 275 6.29 -16.51 11.79
CA GLU A 275 5.37 -15.38 11.91
C GLU A 275 4.82 -15.19 13.32
N ARG A 276 4.21 -14.02 13.62
CA ARG A 276 3.67 -13.84 14.95
C ARG A 276 2.22 -13.56 14.90
N ASN A 277 1.52 -13.69 16.00
CA ASN A 277 0.13 -13.26 16.00
C ASN A 277 0.22 -11.70 16.08
N TYR A 278 -0.92 -10.94 16.23
CA TYR A 278 -0.91 -9.47 16.41
C TYR A 278 -0.07 -9.08 17.65
N HIS A 279 0.73 -8.00 17.56
CA HIS A 279 1.54 -7.45 18.63
C HIS A 279 0.90 -7.45 19.96
N ILE A 280 -0.32 -7.02 20.08
CA ILE A 280 -0.92 -6.96 21.38
C ILE A 280 -0.84 -8.14 22.31
N PHE A 281 -0.93 -9.27 21.72
CA PHE A 281 -1.00 -10.40 22.56
C PHE A 281 0.28 -10.51 23.37
N TYR A 282 1.41 -10.23 22.70
CA TYR A 282 2.76 -10.26 23.22
C TYR A 282 2.99 -9.12 24.15
N GLN A 283 2.38 -8.00 23.80
CA GLN A 283 2.44 -6.79 24.60
C GLN A 283 1.80 -6.97 25.95
N LEU A 284 0.64 -7.55 25.96
CA LEU A 284 0.01 -7.71 27.24
C LEU A 284 0.71 -8.75 28.11
N LEU A 285 1.15 -9.83 27.51
CA LEU A 285 1.76 -10.90 28.23
C LEU A 285 3.10 -10.56 28.88
N ALA A 286 3.91 -9.72 28.18
CA ALA A 286 5.24 -9.27 28.64
C ALA A 286 5.12 -8.13 29.62
N GLY A 287 4.21 -7.24 29.21
CA GLY A 287 3.85 -6.01 29.86
C GLY A 287 2.88 -6.06 31.04
N ALA A 288 1.88 -6.98 31.09
CA ALA A 288 0.94 -7.01 32.24
C ALA A 288 1.70 -7.03 33.59
N THR A 289 1.08 -6.53 34.65
CA THR A 289 1.70 -6.47 35.99
C THR A 289 1.47 -7.79 36.66
N ALA A 290 2.51 -8.35 37.26
CA ALA A 290 2.42 -9.63 37.95
C ALA A 290 1.07 -9.82 38.62
N GLU A 291 0.37 -8.70 38.84
CA GLU A 291 -0.95 -8.66 39.46
C GLU A 291 -2.07 -8.86 38.45
N GLU A 292 -1.90 -8.20 37.30
CA GLU A 292 -2.87 -8.27 36.22
C GLU A 292 -2.93 -9.66 35.64
N LYS A 293 -1.78 -10.33 35.63
CA LYS A 293 -1.64 -11.66 35.11
C LYS A 293 -2.53 -12.64 35.86
N LYS A 294 -2.42 -12.55 37.19
CA LYS A 294 -3.18 -13.35 38.13
C LYS A 294 -4.64 -13.12 37.87
N ALA A 295 -4.99 -11.88 37.71
CA ALA A 295 -6.36 -11.64 37.44
C ALA A 295 -6.75 -12.05 36.04
N LEU A 296 -5.77 -12.18 35.13
CA LEU A 296 -6.09 -12.58 33.75
C LEU A 296 -5.79 -14.03 33.47
N HIS A 297 -5.26 -14.74 34.45
CA HIS A 297 -5.01 -16.11 34.13
C HIS A 297 -3.98 -16.25 33.07
N LEU A 298 -3.10 -15.25 33.04
CA LEU A 298 -2.04 -15.23 32.06
C LEU A 298 -0.83 -16.08 32.39
N ALA A 299 -0.07 -16.37 31.35
CA ALA A 299 1.13 -17.16 31.42
C ALA A 299 2.02 -16.72 30.27
N GLY A 300 3.04 -17.51 29.95
CA GLY A 300 3.93 -17.15 28.90
C GLY A 300 3.25 -17.48 27.63
N PRO A 301 3.82 -17.02 26.51
CA PRO A 301 3.27 -17.31 25.22
C PRO A 301 3.23 -18.79 24.94
N GLU A 302 4.23 -19.45 25.46
CA GLU A 302 4.33 -20.86 25.18
C GLU A 302 3.15 -21.62 25.73
N SER A 303 2.49 -20.95 26.63
CA SER A 303 1.32 -21.51 27.28
C SER A 303 0.05 -21.32 26.47
N PHE A 304 0.11 -20.69 25.30
CA PHE A 304 -1.15 -20.49 24.58
C PHE A 304 -1.12 -21.04 23.20
N ASN A 305 -2.09 -21.91 22.83
CA ASN A 305 -2.07 -22.43 21.47
C ASN A 305 -2.07 -21.38 20.41
N TYR A 306 -2.67 -20.23 20.71
CA TYR A 306 -2.75 -19.18 19.70
C TYR A 306 -1.42 -18.44 19.51
N LEU A 307 -0.44 -18.75 20.34
CA LEU A 307 0.84 -18.08 20.22
C LEU A 307 1.96 -19.07 20.23
N ASN A 308 1.66 -20.35 20.34
CA ASN A 308 2.81 -21.21 20.45
C ASN A 308 3.01 -22.11 19.27
N GLN A 309 2.36 -21.84 18.18
CA GLN A 309 2.61 -22.68 17.08
C GLN A 309 3.69 -22.25 16.09
N SER A 310 3.85 -20.95 15.87
CA SER A 310 4.80 -20.51 14.82
C SER A 310 6.27 -20.66 15.06
N GLY A 311 6.65 -20.79 16.32
CA GLY A 311 8.06 -20.89 16.61
C GLY A 311 8.70 -19.53 16.82
N CYS A 312 7.90 -18.47 16.71
CA CYS A 312 8.47 -17.14 16.93
C CYS A 312 7.59 -16.42 17.91
N VAL A 313 8.15 -16.08 19.07
CA VAL A 313 7.36 -15.34 20.03
C VAL A 313 7.99 -13.99 20.17
N ASP A 314 9.07 -13.77 19.47
CA ASP A 314 9.68 -12.49 19.61
C ASP A 314 10.30 -11.89 18.37
N ILE A 315 10.35 -10.53 18.33
CA ILE A 315 10.88 -9.75 17.18
C ILE A 315 12.17 -9.09 17.59
N LYS A 316 13.20 -9.35 16.80
CA LYS A 316 14.54 -8.83 17.01
C LYS A 316 14.57 -7.34 17.14
N GLY A 317 15.04 -6.97 18.32
CA GLY A 317 15.14 -5.58 18.68
C GLY A 317 13.83 -4.97 19.09
N VAL A 318 12.90 -5.80 19.51
CA VAL A 318 11.62 -5.28 19.97
C VAL A 318 11.32 -5.79 21.35
N SER A 319 10.93 -4.82 22.16
CA SER A 319 10.58 -5.15 23.50
C SER A 319 9.11 -5.08 23.62
N ASP A 320 8.48 -6.24 23.70
CA ASP A 320 7.05 -6.24 23.85
C ASP A 320 6.59 -5.48 25.10
N SER A 321 7.33 -5.58 26.19
CA SER A 321 6.97 -4.95 27.45
C SER A 321 7.01 -3.43 27.33
N GLU A 322 8.02 -2.97 26.62
CA GLU A 322 8.16 -1.54 26.42
C GLU A 322 7.06 -1.02 25.49
N GLU A 323 6.73 -1.82 24.48
CA GLU A 323 5.68 -1.51 23.49
C GLU A 323 4.33 -1.44 24.18
N PHE A 324 4.13 -2.34 25.14
CA PHE A 324 2.89 -2.32 25.90
C PHE A 324 2.67 -0.98 26.55
N LYS A 325 3.77 -0.47 27.14
CA LYS A 325 3.79 0.82 27.80
C LYS A 325 3.38 1.89 26.80
N ILE A 326 3.97 1.85 25.62
CA ILE A 326 3.60 2.84 24.64
C ILE A 326 2.15 2.75 24.26
N THR A 327 1.65 1.52 24.18
CA THR A 327 0.27 1.26 23.81
C THR A 327 -0.69 1.80 24.86
N ARG A 328 -0.41 1.50 26.11
CA ARG A 328 -1.27 1.99 27.19
C ARG A 328 -1.26 3.54 27.23
N GLN A 329 -0.09 4.10 26.96
CA GLN A 329 0.06 5.54 26.92
C GLN A 329 -0.88 6.12 25.88
N ALA A 330 -0.85 5.59 24.68
CA ALA A 330 -1.67 6.09 23.63
C ALA A 330 -3.11 6.01 24.03
N MET A 331 -3.45 4.90 24.64
CA MET A 331 -4.83 4.69 25.06
C MET A 331 -5.29 5.75 26.03
N ASP A 332 -4.33 6.11 26.88
CA ASP A 332 -4.58 7.14 27.87
C ASP A 332 -4.76 8.48 27.16
N ILE A 333 -3.84 8.79 26.27
CA ILE A 333 -3.95 10.05 25.59
C ILE A 333 -5.22 10.19 24.82
N VAL A 334 -5.54 9.16 24.07
CA VAL A 334 -6.76 9.22 23.30
C VAL A 334 -7.97 9.31 24.17
N GLY A 335 -7.95 8.62 25.29
CA GLY A 335 -9.16 8.76 26.04
C GLY A 335 -9.86 7.49 26.46
N PHE A 336 -9.11 6.42 26.48
CA PHE A 336 -9.74 5.22 26.93
C PHE A 336 -9.60 5.12 28.46
N SER A 337 -10.74 4.99 29.08
CA SER A 337 -10.91 4.87 30.50
C SER A 337 -10.20 3.63 30.93
N GLN A 338 -9.72 3.59 32.16
CA GLN A 338 -9.02 2.40 32.63
C GLN A 338 -9.96 1.22 32.72
N GLU A 339 -11.21 1.54 32.86
CA GLU A 339 -12.13 0.46 32.91
C GLU A 339 -12.04 -0.19 31.52
N GLU A 340 -12.37 0.65 30.54
CA GLU A 340 -12.37 0.29 29.13
C GLU A 340 -11.10 -0.42 28.82
N GLN A 341 -10.00 0.10 29.32
CA GLN A 341 -8.73 -0.54 29.08
C GLN A 341 -8.65 -1.94 29.70
N MET A 342 -9.24 -2.13 30.88
CA MET A 342 -9.15 -3.45 31.46
C MET A 342 -9.92 -4.46 30.65
N SER A 343 -11.09 -4.02 30.24
CA SER A 343 -11.93 -4.87 29.41
C SER A 343 -11.29 -5.22 28.06
N ILE A 344 -10.60 -4.28 27.42
CA ILE A 344 -9.92 -4.55 26.16
C ILE A 344 -8.95 -5.72 26.41
N PHE A 345 -8.19 -5.61 27.49
CA PHE A 345 -7.19 -6.61 27.87
C PHE A 345 -7.88 -7.90 28.25
N LYS A 346 -9.08 -7.76 28.79
CA LYS A 346 -9.83 -8.92 29.17
C LYS A 346 -10.15 -9.71 27.94
N ILE A 347 -10.62 -8.99 26.91
CA ILE A 347 -10.95 -9.53 25.57
C ILE A 347 -9.74 -10.27 24.95
N ILE A 348 -8.56 -9.63 24.99
CA ILE A 348 -7.33 -10.26 24.50
C ILE A 348 -7.03 -11.58 25.26
N ALA A 349 -7.11 -11.49 26.57
CA ALA A 349 -6.86 -12.61 27.45
C ALA A 349 -7.82 -13.73 27.17
N GLY A 350 -9.07 -13.30 27.18
CA GLY A 350 -10.19 -14.22 26.89
C GLY A 350 -10.00 -15.01 25.59
N ILE A 351 -9.59 -14.32 24.51
CA ILE A 351 -9.38 -14.96 23.22
C ILE A 351 -8.29 -16.01 23.38
N LEU A 352 -7.21 -15.64 24.07
CA LEU A 352 -6.16 -16.62 24.27
C LEU A 352 -6.69 -17.88 25.02
N HIS A 353 -7.52 -17.68 26.08
CA HIS A 353 -8.11 -18.80 26.86
C HIS A 353 -8.96 -19.65 25.94
N LEU A 354 -9.82 -19.06 25.07
CA LEU A 354 -10.66 -19.76 24.09
C LEU A 354 -9.84 -20.69 23.21
N GLY A 355 -8.68 -20.16 22.82
CA GLY A 355 -7.78 -20.93 21.97
C GLY A 355 -7.18 -22.18 22.70
N ASN A 356 -7.11 -22.13 24.03
CA ASN A 356 -6.56 -23.21 24.80
C ASN A 356 -7.56 -24.27 25.20
N ILE A 357 -8.79 -24.13 24.70
CA ILE A 357 -9.93 -25.05 24.86
C ILE A 357 -9.71 -26.35 24.03
N LYS A 358 -9.61 -27.47 24.71
CA LYS A 358 -9.42 -28.68 23.96
C LYS A 358 -10.64 -29.56 23.85
N PHE A 359 -11.00 -29.85 22.62
CA PHE A 359 -12.14 -30.67 22.46
C PHE A 359 -11.73 -32.12 22.33
N GLU A 360 -12.50 -32.98 22.99
CA GLU A 360 -12.24 -34.40 22.86
C GLU A 360 -13.52 -35.10 22.43
N LYS A 361 -13.36 -36.31 21.82
CA LYS A 361 -14.48 -37.17 21.37
C LYS A 361 -14.56 -38.44 22.20
N GLY A 362 -14.90 -39.51 21.48
CA GLY A 362 -14.98 -40.86 22.04
C GLY A 362 -16.40 -41.30 22.29
N ALA A 363 -16.95 -40.72 23.38
CA ALA A 363 -18.28 -40.96 23.88
C ALA A 363 -19.20 -41.46 22.80
N GLY A 364 -19.01 -40.82 21.65
CA GLY A 364 -19.70 -41.08 20.41
C GLY A 364 -18.91 -40.38 19.30
N GLU A 365 -19.64 -39.56 18.52
CA GLU A 365 -19.08 -38.76 17.43
C GLU A 365 -19.01 -37.30 17.84
N GLY A 366 -19.76 -36.96 18.91
CA GLY A 366 -19.92 -35.63 19.49
C GLY A 366 -18.87 -35.24 20.52
N ALA A 367 -18.67 -33.94 20.65
CA ALA A 367 -17.66 -33.40 21.52
C ALA A 367 -17.96 -33.08 22.96
N VAL A 368 -16.87 -33.10 23.73
CA VAL A 368 -17.00 -32.81 25.13
C VAL A 368 -15.79 -32.12 25.70
N LEU A 369 -16.03 -31.56 26.88
CA LEU A 369 -15.05 -30.86 27.60
C LEU A 369 -14.82 -31.57 28.92
N LYS A 370 -13.76 -32.39 28.93
CA LYS A 370 -13.36 -33.13 30.13
C LYS A 370 -12.82 -32.09 31.10
N ASP A 371 -11.80 -31.38 30.69
CA ASP A 371 -11.28 -30.33 31.54
C ASP A 371 -11.96 -29.07 31.06
N LYS A 372 -12.24 -28.18 31.99
CA LYS A 372 -12.91 -26.96 31.70
C LYS A 372 -12.12 -25.75 32.19
N THR A 373 -10.84 -25.92 32.50
CA THR A 373 -10.16 -24.75 33.01
C THR A 373 -10.22 -23.59 32.04
N ALA A 374 -9.78 -23.90 30.82
CA ALA A 374 -9.73 -22.87 29.79
C ALA A 374 -11.08 -22.23 29.61
N LEU A 375 -12.02 -23.11 29.41
CA LEU A 375 -13.33 -22.56 29.21
C LEU A 375 -13.71 -21.58 30.33
N ASN A 376 -13.40 -21.95 31.56
CA ASN A 376 -13.76 -21.11 32.68
C ASN A 376 -13.05 -19.77 32.72
N ALA A 377 -11.74 -19.83 32.41
CA ALA A 377 -10.92 -18.63 32.41
C ALA A 377 -11.51 -17.66 31.38
N ALA A 378 -11.76 -18.19 30.19
CA ALA A 378 -12.36 -17.38 29.15
C ALA A 378 -13.66 -16.76 29.65
N SER A 379 -14.58 -17.54 30.16
CA SER A 379 -15.83 -16.95 30.67
C SER A 379 -15.60 -15.91 31.75
N THR A 380 -14.71 -16.21 32.71
CA THR A 380 -14.50 -15.22 33.74
C THR A 380 -14.16 -13.91 33.13
N VAL A 381 -13.10 -13.88 32.29
CA VAL A 381 -12.66 -12.64 31.66
C VAL A 381 -13.69 -11.91 30.82
N PHE A 382 -14.48 -12.69 30.06
CA PHE A 382 -15.52 -12.16 29.18
C PHE A 382 -16.74 -11.66 29.92
N GLY A 383 -17.02 -12.34 31.03
CA GLY A 383 -18.16 -11.97 31.83
C GLY A 383 -19.47 -12.61 31.34
N VAL A 384 -19.37 -13.87 30.88
CA VAL A 384 -20.44 -14.70 30.33
C VAL A 384 -20.53 -16.01 31.13
N ASN A 385 -21.60 -16.73 30.93
CA ASN A 385 -21.84 -17.99 31.59
C ASN A 385 -21.23 -19.19 30.88
N PRO A 386 -20.33 -19.85 31.61
CA PRO A 386 -19.54 -20.97 31.15
C PRO A 386 -20.34 -22.11 30.66
N SER A 387 -21.53 -22.28 31.26
CA SER A 387 -22.39 -23.38 30.88
C SER A 387 -23.08 -23.05 29.53
N VAL A 388 -23.43 -21.75 29.41
CA VAL A 388 -24.07 -21.14 28.25
C VAL A 388 -23.06 -21.19 27.11
N LEU A 389 -21.80 -20.86 27.46
CA LEU A 389 -20.66 -20.88 26.54
C LEU A 389 -20.47 -22.29 25.97
N GLU A 390 -20.24 -23.24 26.89
CA GLU A 390 -20.03 -24.64 26.59
C GLU A 390 -21.16 -25.16 25.69
N LYS A 391 -22.38 -24.85 26.05
CA LYS A 391 -23.45 -25.33 25.21
C LYS A 391 -23.47 -24.73 23.79
N ALA A 392 -23.22 -23.42 23.71
CA ALA A 392 -23.20 -22.69 22.44
C ALA A 392 -22.08 -23.18 21.53
N LEU A 393 -20.99 -23.71 22.11
CA LEU A 393 -19.86 -24.23 21.32
C LEU A 393 -20.09 -25.61 20.84
N MET A 394 -20.52 -26.46 21.76
CA MET A 394 -20.71 -27.81 21.28
C MET A 394 -22.12 -28.27 20.96
N GLU A 395 -23.12 -27.54 21.43
CA GLU A 395 -24.46 -27.98 21.15
C GLU A 395 -25.38 -26.83 20.80
N PRO A 396 -25.06 -26.14 19.69
CA PRO A 396 -25.84 -25.01 19.31
C PRO A 396 -27.15 -25.49 18.79
N ARG A 397 -28.18 -24.66 18.97
CA ARG A 397 -29.52 -24.95 18.45
C ARG A 397 -29.57 -24.50 17.00
N ILE A 398 -29.88 -25.41 16.11
CA ILE A 398 -29.94 -25.02 14.72
C ILE A 398 -31.36 -25.19 14.24
N LEU A 399 -31.80 -24.22 13.49
CA LEU A 399 -33.09 -24.25 12.85
C LEU A 399 -33.12 -25.25 11.66
N ALA A 400 -34.15 -26.11 11.71
CA ALA A 400 -34.53 -27.18 10.76
C ALA A 400 -35.89 -26.81 10.19
N GLY A 401 -35.87 -25.57 9.79
CA GLY A 401 -37.02 -24.98 9.22
C GLY A 401 -38.02 -24.62 10.28
N ARG A 402 -38.67 -25.61 10.88
CA ARG A 402 -39.69 -25.20 11.87
C ARG A 402 -39.16 -25.35 13.27
N ASP A 403 -38.39 -26.41 13.32
CA ASP A 403 -37.72 -26.94 14.50
C ASP A 403 -36.45 -26.21 14.86
N LEU A 404 -36.33 -26.00 16.12
CA LEU A 404 -35.14 -25.37 16.55
C LEU A 404 -34.53 -26.39 17.47
N VAL A 405 -33.63 -27.15 16.91
CA VAL A 405 -32.96 -28.23 17.60
C VAL A 405 -31.47 -28.07 17.83
N ALA A 406 -31.03 -28.36 19.04
CA ALA A 406 -29.63 -28.34 19.32
C ALA A 406 -28.91 -29.49 18.62
N GLN A 407 -27.76 -29.20 18.06
CA GLN A 407 -26.97 -30.25 17.42
C GLN A 407 -25.72 -30.50 18.25
N HIS A 408 -25.28 -31.73 18.27
CA HIS A 408 -24.09 -31.96 19.06
C HIS A 408 -22.88 -31.99 18.13
N LEU A 409 -22.09 -30.92 18.10
CA LEU A 409 -20.98 -30.96 17.18
C LEU A 409 -19.85 -31.80 17.71
N ASN A 410 -19.20 -32.38 16.71
CA ASN A 410 -18.00 -33.18 16.88
C ASN A 410 -16.92 -32.20 17.16
N VAL A 411 -15.71 -32.72 17.38
CA VAL A 411 -14.53 -31.91 17.70
C VAL A 411 -14.15 -30.82 16.67
N GLU A 412 -14.04 -31.22 15.42
CA GLU A 412 -13.67 -30.42 14.32
C GLU A 412 -14.57 -29.26 14.30
N LYS A 413 -15.83 -29.60 14.04
CA LYS A 413 -16.87 -28.61 13.93
C LYS A 413 -16.85 -27.81 15.21
N SER A 414 -16.61 -28.46 16.30
CA SER A 414 -16.58 -27.71 17.50
C SER A 414 -15.46 -26.67 17.57
N SER A 415 -14.31 -27.06 17.13
CA SER A 415 -13.13 -26.19 17.13
C SER A 415 -13.27 -25.05 16.18
N SER A 416 -13.75 -25.35 15.01
CA SER A 416 -14.05 -24.37 13.97
C SER A 416 -14.93 -23.28 14.56
N SER A 417 -15.97 -23.68 15.30
CA SER A 417 -16.92 -22.75 15.91
C SER A 417 -16.23 -21.77 16.90
N ARG A 418 -15.43 -22.36 17.74
CA ARG A 418 -14.64 -21.68 18.70
C ARG A 418 -13.78 -20.65 17.96
N ASP A 419 -13.14 -21.12 16.91
CA ASP A 419 -12.34 -20.25 16.12
C ASP A 419 -13.17 -19.11 15.54
N ALA A 420 -14.36 -19.42 15.11
CA ALA A 420 -15.19 -18.36 14.56
C ALA A 420 -15.50 -17.36 15.64
N LEU A 421 -15.70 -17.83 16.85
CA LEU A 421 -16.03 -16.96 17.96
C LEU A 421 -14.87 -16.01 18.20
N VAL A 422 -13.70 -16.58 18.15
CA VAL A 422 -12.52 -15.76 18.36
C VAL A 422 -12.36 -14.66 17.30
N LYS A 423 -12.53 -15.07 16.06
CA LYS A 423 -12.38 -14.13 14.99
C LYS A 423 -13.42 -13.03 15.10
N ALA A 424 -14.69 -13.36 15.44
CA ALA A 424 -15.72 -12.35 15.57
C ALA A 424 -15.33 -11.37 16.71
N LEU A 425 -14.86 -11.95 17.81
CA LEU A 425 -14.49 -11.12 18.93
C LEU A 425 -13.40 -10.20 18.50
N TYR A 426 -12.35 -10.73 17.89
CA TYR A 426 -11.20 -9.89 17.43
C TYR A 426 -11.63 -8.80 16.42
N GLY A 427 -12.33 -9.17 15.37
CA GLY A 427 -12.75 -8.18 14.38
C GLY A 427 -13.66 -7.09 14.93
N ARG A 428 -14.58 -7.49 15.82
CA ARG A 428 -15.50 -6.54 16.43
C ARG A 428 -14.77 -5.57 17.40
N LEU A 429 -13.87 -6.14 18.15
CA LEU A 429 -13.06 -5.35 19.06
C LEU A 429 -12.35 -4.25 18.26
N PHE A 430 -11.80 -4.65 17.13
CA PHE A 430 -11.05 -3.76 16.28
C PHE A 430 -11.95 -2.67 15.77
N LEU A 431 -13.14 -3.08 15.39
CA LEU A 431 -14.08 -2.13 14.87
C LEU A 431 -14.42 -1.13 15.96
N TRP A 432 -14.69 -1.67 17.12
CA TRP A 432 -15.00 -0.87 18.30
C TRP A 432 -13.85 0.09 18.59
N LEU A 433 -12.63 -0.36 18.43
CA LEU A 433 -11.54 0.53 18.75
C LEU A 433 -11.55 1.65 17.76
N VAL A 434 -11.74 1.32 16.48
CA VAL A 434 -11.76 2.39 15.48
C VAL A 434 -12.84 3.42 15.77
N LYS A 435 -14.02 2.92 16.07
CA LYS A 435 -15.17 3.76 16.35
C LYS A 435 -14.93 4.69 17.58
N LYS A 436 -14.26 4.14 18.55
CA LYS A 436 -13.97 4.91 19.75
C LYS A 436 -13.01 5.99 19.40
N ILE A 437 -11.97 5.63 18.67
CA ILE A 437 -11.01 6.61 18.28
C ILE A 437 -11.71 7.71 17.45
N ASN A 438 -12.60 7.34 16.55
CA ASN A 438 -13.28 8.33 15.72
C ASN A 438 -14.14 9.30 16.52
N ASN A 439 -14.70 8.78 17.61
CA ASN A 439 -15.58 9.52 18.52
C ASN A 439 -14.83 10.69 19.10
N VAL A 440 -13.63 10.38 19.53
CA VAL A 440 -12.78 11.38 20.07
C VAL A 440 -12.28 12.34 19.04
N LEU A 441 -11.68 11.86 17.97
CA LEU A 441 -11.04 12.66 16.95
C LEU A 441 -11.92 13.38 15.90
N CYS A 442 -12.96 12.68 15.51
CA CYS A 442 -13.72 13.13 14.39
C CYS A 442 -14.60 14.33 14.58
N GLN A 443 -14.63 15.17 13.55
CA GLN A 443 -15.47 16.33 13.63
C GLN A 443 -16.48 16.34 12.53
N GLU A 444 -17.74 16.53 12.92
CA GLU A 444 -18.85 16.58 11.98
C GLU A 444 -18.86 17.96 11.32
N ARG A 445 -18.02 18.81 11.89
CA ARG A 445 -17.84 20.18 11.45
C ARG A 445 -16.54 20.43 10.73
N LYS A 446 -16.27 19.74 9.63
CA LYS A 446 -15.00 20.06 8.95
C LYS A 446 -15.16 20.84 7.65
N ALA A 447 -14.17 21.69 7.41
CA ALA A 447 -14.25 22.44 6.22
C ALA A 447 -13.55 21.74 5.09
N TYR A 448 -12.36 21.23 5.34
CA TYR A 448 -11.55 20.57 4.29
C TYR A 448 -10.93 19.29 4.87
N PHE A 449 -10.38 18.39 4.04
CA PHE A 449 -9.65 17.23 4.60
C PHE A 449 -8.60 16.84 3.60
N ILE A 450 -7.65 16.10 4.13
CA ILE A 450 -6.57 15.62 3.30
C ILE A 450 -6.61 14.16 3.69
N GLY A 451 -6.95 13.24 2.81
CA GLY A 451 -7.09 11.84 3.27
C GLY A 451 -5.90 11.00 2.82
N VAL A 452 -5.41 10.11 3.68
CA VAL A 452 -4.30 9.22 3.36
C VAL A 452 -4.72 7.70 3.27
N LEU A 453 -4.39 7.03 2.15
CA LEU A 453 -4.86 5.65 2.10
C LEU A 453 -3.60 4.81 2.17
N ASP A 454 -3.51 3.94 3.11
CA ASP A 454 -2.30 3.12 3.23
C ASP A 454 -2.83 1.70 3.11
N ILE A 455 -2.69 1.16 1.92
CA ILE A 455 -3.25 -0.16 1.67
C ILE A 455 -2.27 -0.84 0.74
N SER A 456 -2.37 -2.17 0.64
CA SER A 456 -1.45 -2.84 -0.29
C SER A 456 -1.78 -2.57 -1.71
N GLY A 457 -0.81 -2.72 -2.62
CA GLY A 457 -0.99 -2.63 -4.03
C GLY A 457 -1.40 -4.06 -4.46
N PHE A 458 -1.31 -4.39 -5.73
CA PHE A 458 -1.74 -5.72 -6.20
C PHE A 458 -1.02 -6.78 -5.44
N GLU A 459 -1.70 -7.91 -5.15
CA GLU A 459 -1.11 -9.01 -4.42
C GLU A 459 -1.12 -10.27 -5.30
N ILE A 460 0.02 -10.77 -5.70
CA ILE A 460 0.04 -12.03 -6.48
C ILE A 460 0.92 -13.03 -5.69
N PHE A 461 0.36 -13.80 -4.79
CA PHE A 461 1.19 -14.72 -3.99
C PHE A 461 1.21 -16.11 -4.58
N LYS A 462 1.87 -17.05 -3.92
CA LYS A 462 1.90 -18.46 -4.32
C LYS A 462 0.47 -18.97 -4.41
N VAL A 463 -0.29 -18.63 -3.36
CA VAL A 463 -1.68 -18.98 -3.23
C VAL A 463 -2.53 -17.74 -3.09
N ASN A 464 -3.53 -17.55 -3.95
CA ASN A 464 -4.39 -16.36 -3.84
C ASN A 464 -5.78 -16.77 -3.53
N SER A 465 -6.41 -16.08 -2.60
CA SER A 465 -7.72 -16.44 -2.12
C SER A 465 -8.71 -15.25 -2.15
N PHE A 466 -9.81 -15.34 -1.39
CA PHE A 466 -10.86 -14.32 -1.42
C PHE A 466 -10.32 -12.93 -1.11
N GLU A 467 -9.45 -12.86 -0.13
CA GLU A 467 -8.86 -11.60 0.33
C GLU A 467 -8.03 -10.98 -0.71
N GLN A 468 -7.33 -11.81 -1.48
CA GLN A 468 -6.51 -11.31 -2.57
C GLN A 468 -7.38 -10.73 -3.67
N LEU A 469 -8.48 -11.42 -3.95
CA LEU A 469 -9.38 -10.97 -4.98
C LEU A 469 -9.93 -9.57 -4.59
N CYS A 470 -10.30 -9.42 -3.35
CA CYS A 470 -10.78 -8.14 -2.85
C CYS A 470 -9.73 -7.03 -3.07
N ILE A 471 -8.54 -7.23 -2.53
CA ILE A 471 -7.52 -6.20 -2.64
C ILE A 471 -7.19 -5.97 -4.08
N ASN A 472 -7.26 -6.99 -4.94
CA ASN A 472 -6.88 -6.74 -6.34
C ASN A 472 -7.97 -5.94 -7.13
N TYR A 473 -9.21 -6.18 -6.70
CA TYR A 473 -10.38 -5.49 -7.20
C TYR A 473 -10.21 -3.96 -6.83
N THR A 474 -9.90 -3.71 -5.57
CA THR A 474 -9.65 -2.30 -5.17
C THR A 474 -8.57 -1.70 -6.06
N ASN A 475 -7.48 -2.45 -6.24
CA ASN A 475 -6.35 -1.95 -7.05
C ASN A 475 -6.70 -1.69 -8.51
N GLU A 476 -7.67 -2.53 -9.09
CA GLU A 476 -8.09 -2.29 -10.43
C GLU A 476 -8.76 -0.92 -10.44
N LYS A 477 -9.61 -0.70 -9.43
CA LYS A 477 -10.30 0.64 -9.37
C LYS A 477 -9.31 1.80 -9.17
N LEU A 478 -8.30 1.61 -8.31
CA LEU A 478 -7.34 2.72 -8.09
C LEU A 478 -6.49 2.97 -9.31
N GLN A 479 -6.12 1.91 -10.01
CA GLN A 479 -5.28 2.13 -11.19
C GLN A 479 -6.10 2.82 -12.24
N GLN A 480 -7.36 2.49 -12.31
CA GLN A 480 -8.20 3.10 -13.35
C GLN A 480 -8.38 4.61 -12.92
N PHE A 481 -8.55 4.86 -11.57
CA PHE A 481 -8.61 6.20 -11.05
C PHE A 481 -7.36 6.97 -11.47
N PHE A 482 -6.22 6.36 -11.30
CA PHE A 482 -5.00 7.00 -11.75
C PHE A 482 -5.02 7.32 -13.24
N ASN A 483 -5.37 6.31 -14.03
CA ASN A 483 -5.30 6.41 -15.47
C ASN A 483 -6.12 7.60 -15.97
N HIS A 484 -7.31 7.77 -15.37
CA HIS A 484 -8.26 8.85 -15.70
C HIS A 484 -7.69 10.20 -15.33
N HIS A 485 -7.11 10.24 -14.16
CA HIS A 485 -6.49 11.44 -13.72
C HIS A 485 -5.30 11.86 -14.62
N MET A 486 -4.45 10.91 -14.97
CA MET A 486 -3.23 11.22 -15.73
C MET A 486 -3.62 11.80 -17.03
N PHE A 487 -4.71 11.24 -17.50
CA PHE A 487 -5.33 11.69 -18.74
C PHE A 487 -5.73 13.18 -18.64
N LYS A 488 -6.53 13.56 -17.62
CA LYS A 488 -6.93 14.98 -17.46
C LYS A 488 -5.75 15.91 -17.37
N LEU A 489 -4.91 15.65 -16.37
CA LEU A 489 -3.71 16.41 -16.10
C LEU A 489 -2.80 16.60 -17.31
N GLU A 490 -2.61 15.52 -18.05
CA GLU A 490 -1.80 15.62 -19.27
C GLU A 490 -2.49 16.47 -20.32
N GLN A 491 -3.82 16.35 -20.47
CA GLN A 491 -4.45 17.18 -21.47
C GLN A 491 -4.29 18.63 -21.08
N GLU A 492 -4.50 18.85 -19.79
CA GLU A 492 -4.44 20.19 -19.23
C GLU A 492 -3.19 20.89 -19.60
N GLU A 493 -2.11 20.16 -19.34
CA GLU A 493 -0.74 20.59 -19.56
C GLU A 493 -0.51 21.12 -20.95
N TYR A 494 -0.90 20.28 -21.90
CA TYR A 494 -0.84 20.56 -23.30
C TYR A 494 -1.65 21.79 -23.63
N LEU A 495 -2.84 21.92 -23.04
CA LEU A 495 -3.69 23.08 -23.29
C LEU A 495 -3.07 24.39 -22.81
N LYS A 496 -2.57 24.34 -21.58
CA LYS A 496 -1.90 25.47 -20.93
C LYS A 496 -0.74 26.03 -21.74
N GLU A 497 -0.10 25.20 -22.56
CA GLU A 497 1.04 25.65 -23.34
C GLU A 497 0.76 25.79 -24.82
N LYS A 498 -0.44 25.31 -25.22
CA LYS A 498 -0.93 25.31 -26.61
C LYS A 498 -0.21 24.26 -27.46
N ILE A 499 -0.58 23.00 -27.24
CA ILE A 499 0.02 21.89 -27.96
C ILE A 499 -1.01 20.81 -28.08
N ASN A 500 -0.86 19.97 -29.13
CA ASN A 500 -1.65 18.77 -29.46
C ASN A 500 -2.75 18.45 -28.46
N ASP A 509 -8.92 -0.80 -20.32
CA ASP A 509 -9.05 -2.26 -20.17
C ASP A 509 -9.53 -2.61 -18.74
N SER A 510 -9.50 -1.55 -17.93
CA SER A 510 -9.83 -1.85 -16.56
C SER A 510 -11.26 -2.23 -16.41
N GLN A 511 -12.08 -1.61 -17.27
CA GLN A 511 -13.49 -1.83 -17.07
C GLN A 511 -13.88 -3.30 -17.12
N ALA A 512 -13.33 -3.94 -18.14
CA ALA A 512 -13.64 -5.36 -18.39
C ALA A 512 -13.32 -6.24 -17.17
N THR A 513 -12.10 -6.01 -16.58
CA THR A 513 -11.67 -6.77 -15.40
C THR A 513 -12.61 -6.40 -14.31
N ILE A 514 -12.83 -5.09 -14.20
CA ILE A 514 -13.75 -4.65 -13.14
C ILE A 514 -15.11 -5.34 -13.22
N ASP A 515 -15.69 -5.33 -14.41
CA ASP A 515 -17.00 -5.91 -14.49
C ASP A 515 -17.03 -7.40 -14.21
N LEU A 516 -15.97 -8.07 -14.69
CA LEU A 516 -15.90 -9.51 -14.48
C LEU A 516 -16.06 -9.82 -13.01
N ILE A 517 -15.43 -8.95 -12.27
CA ILE A 517 -15.51 -9.09 -10.80
C ILE A 517 -16.82 -8.64 -10.19
N ASP A 518 -17.23 -7.38 -10.40
CA ASP A 518 -18.40 -6.90 -9.68
C ASP A 518 -19.65 -6.65 -10.49
N GLY A 519 -19.68 -7.14 -11.71
CA GLY A 519 -20.83 -7.02 -12.57
C GLY A 519 -22.09 -7.59 -11.95
N ARG A 520 -23.19 -6.97 -12.33
CA ARG A 520 -24.49 -7.44 -11.85
C ARG A 520 -25.32 -8.19 -12.92
N GLN A 521 -25.28 -7.74 -14.12
CA GLN A 521 -26.00 -8.39 -15.16
C GLN A 521 -25.31 -8.10 -16.47
N PRO A 522 -24.67 -9.10 -17.10
CA PRO A 522 -24.55 -10.45 -16.61
C PRO A 522 -23.78 -10.44 -15.26
N PRO A 523 -23.95 -11.43 -14.46
CA PRO A 523 -23.32 -11.43 -13.14
C PRO A 523 -21.83 -11.70 -13.20
N GLY A 524 -21.09 -11.04 -12.29
CA GLY A 524 -19.66 -11.27 -12.29
C GLY A 524 -19.39 -12.24 -11.18
N ILE A 525 -18.09 -12.37 -10.87
CA ILE A 525 -17.69 -13.30 -9.80
C ILE A 525 -18.38 -13.07 -8.49
N LEU A 526 -18.34 -11.84 -7.99
CA LEU A 526 -18.93 -11.68 -6.68
C LEU A 526 -20.43 -11.94 -6.67
N ALA A 527 -21.06 -11.59 -7.82
CA ALA A 527 -22.52 -11.79 -7.82
C ALA A 527 -22.86 -13.32 -7.74
N LEU A 528 -22.10 -14.13 -8.47
CA LEU A 528 -22.33 -15.58 -8.47
C LEU A 528 -22.00 -16.14 -7.11
N LEU A 529 -20.95 -15.58 -6.51
CA LEU A 529 -20.54 -15.98 -5.17
C LEU A 529 -21.70 -15.69 -4.22
N ASP A 530 -22.27 -14.46 -4.27
CA ASP A 530 -23.39 -14.16 -3.38
C ASP A 530 -24.52 -15.12 -3.60
N GLU A 531 -24.74 -15.42 -4.85
CA GLU A 531 -25.83 -16.32 -5.17
C GLU A 531 -25.71 -17.68 -4.50
N GLN A 532 -24.53 -18.26 -4.66
CA GLN A 532 -24.31 -19.55 -4.03
C GLN A 532 -24.42 -19.36 -2.54
N SER A 533 -24.08 -18.18 -2.03
CA SER A 533 -24.09 -18.01 -0.60
C SER A 533 -25.42 -18.22 0.01
N VAL A 534 -26.44 -18.16 -0.78
CA VAL A 534 -27.77 -18.36 -0.14
C VAL A 534 -28.11 -19.83 0.27
N PHE A 535 -27.49 -20.77 -0.36
CA PHE A 535 -27.72 -22.17 -0.14
C PHE A 535 -26.72 -22.85 0.83
N PRO A 536 -27.30 -23.39 1.94
CA PRO A 536 -26.60 -24.11 3.02
C PRO A 536 -25.70 -25.23 2.53
N ASN A 537 -26.22 -25.99 1.60
CA ASN A 537 -25.50 -27.10 1.03
C ASN A 537 -24.54 -26.75 -0.09
N ALA A 538 -24.46 -25.49 -0.59
CA ALA A 538 -23.47 -25.25 -1.67
C ALA A 538 -22.05 -25.61 -1.19
N THR A 539 -21.13 -25.91 -2.14
CA THR A 539 -19.80 -26.27 -1.82
C THR A 539 -18.85 -25.55 -2.71
N ASP A 540 -17.53 -25.68 -2.40
CA ASP A 540 -16.47 -25.15 -3.21
C ASP A 540 -16.71 -25.55 -4.67
N ASN A 541 -17.07 -26.83 -4.91
CA ASN A 541 -17.24 -27.38 -6.23
C ASN A 541 -18.43 -26.76 -6.96
N THR A 542 -19.48 -26.53 -6.18
CA THR A 542 -20.67 -25.93 -6.83
C THR A 542 -20.25 -24.58 -7.30
N LEU A 543 -19.56 -23.81 -6.49
CA LEU A 543 -19.17 -22.45 -6.91
C LEU A 543 -18.22 -22.39 -8.06
N ILE A 544 -17.11 -23.10 -7.97
CA ILE A 544 -16.19 -23.01 -9.06
C ILE A 544 -16.86 -23.44 -10.39
N THR A 545 -17.72 -24.45 -10.36
CA THR A 545 -18.36 -24.93 -11.63
C THR A 545 -19.19 -23.84 -12.21
N LYS A 546 -19.93 -23.17 -11.30
CA LYS A 546 -20.74 -22.01 -11.72
C LYS A 546 -19.92 -20.95 -12.38
N LEU A 547 -18.77 -20.63 -11.74
CA LEU A 547 -17.84 -19.62 -12.31
C LEU A 547 -17.38 -20.00 -13.68
N HIS A 548 -16.83 -21.23 -13.83
CA HIS A 548 -16.38 -21.71 -15.15
C HIS A 548 -17.55 -21.65 -16.18
N SER A 549 -18.71 -22.11 -15.68
CA SER A 549 -19.93 -22.17 -16.51
C SER A 549 -20.24 -20.83 -17.17
N HIS A 550 -20.08 -19.77 -16.42
CA HIS A 550 -20.36 -18.45 -16.95
C HIS A 550 -19.22 -17.87 -17.63
N PHE A 551 -17.95 -18.15 -17.28
CA PHE A 551 -16.94 -17.36 -17.97
C PHE A 551 -15.87 -18.13 -18.75
N SER A 552 -15.78 -19.46 -18.51
CA SER A 552 -14.72 -20.24 -19.21
C SER A 552 -14.85 -20.18 -20.74
N LYS A 553 -13.88 -19.62 -21.48
CA LYS A 553 -13.93 -19.42 -22.93
C LYS A 553 -15.00 -18.42 -23.30
N LYS A 554 -15.54 -17.83 -22.29
CA LYS A 554 -16.64 -16.96 -22.57
C LYS A 554 -16.30 -15.56 -22.12
N ASN A 555 -15.46 -15.32 -21.16
CA ASN A 555 -15.14 -13.91 -20.83
C ASN A 555 -13.64 -13.84 -21.03
N ALA A 556 -13.14 -12.92 -21.85
CA ALA A 556 -11.74 -12.80 -22.16
C ALA A 556 -10.74 -12.58 -21.01
N LYS A 557 -11.19 -12.15 -19.86
CA LYS A 557 -10.24 -11.89 -18.78
C LYS A 557 -10.26 -13.05 -17.82
N TYR A 558 -10.99 -14.12 -18.14
CA TYR A 558 -11.08 -15.26 -17.23
C TYR A 558 -10.37 -16.48 -17.80
N GLU A 559 -9.83 -17.35 -16.97
CA GLU A 559 -9.24 -18.54 -17.54
C GLU A 559 -9.52 -19.75 -16.67
N GLU A 560 -10.18 -20.81 -17.23
CA GLU A 560 -10.39 -22.03 -16.40
C GLU A 560 -9.01 -22.81 -16.52
N PRO A 561 -8.43 -23.30 -15.40
CA PRO A 561 -7.15 -23.99 -15.54
C PRO A 561 -7.25 -25.33 -16.31
N ARG A 562 -6.10 -25.66 -16.87
CA ARG A 562 -5.95 -26.90 -17.62
C ARG A 562 -6.23 -28.07 -16.72
N PHE A 563 -5.73 -28.07 -15.49
CA PHE A 563 -6.02 -29.26 -14.72
C PHE A 563 -6.62 -28.99 -13.40
N SER A 564 -6.22 -27.91 -12.70
CA SER A 564 -6.75 -27.70 -11.35
C SER A 564 -8.26 -27.62 -11.36
N LYS A 565 -8.91 -28.12 -10.34
CA LYS A 565 -10.34 -28.07 -10.30
C LYS A 565 -10.73 -27.10 -9.21
N THR A 566 -9.77 -26.46 -8.58
CA THR A 566 -10.24 -25.61 -7.52
C THR A 566 -9.82 -24.16 -7.72
N GLU A 567 -9.26 -23.90 -8.86
CA GLU A 567 -8.80 -22.55 -9.12
C GLU A 567 -9.35 -21.96 -10.43
N PHE A 568 -9.11 -20.66 -10.58
CA PHE A 568 -9.47 -19.88 -11.78
C PHE A 568 -8.65 -18.60 -11.81
N GLY A 569 -8.41 -18.16 -13.01
CA GLY A 569 -7.58 -17.00 -13.26
C GLY A 569 -8.35 -15.80 -13.78
N VAL A 570 -7.86 -14.69 -13.31
CA VAL A 570 -8.34 -13.36 -13.70
C VAL A 570 -7.22 -12.58 -14.30
N THR A 571 -7.45 -12.05 -15.50
CA THR A 571 -6.41 -11.19 -16.05
C THR A 571 -6.55 -9.77 -15.46
N HIS A 572 -5.63 -9.42 -14.60
CA HIS A 572 -5.57 -8.15 -13.92
C HIS A 572 -4.64 -7.20 -14.65
N TYR A 573 -4.71 -5.94 -14.24
CA TYR A 573 -3.86 -4.87 -14.79
C TYR A 573 -2.38 -5.34 -14.69
N ALA A 574 -2.06 -5.87 -13.55
CA ALA A 574 -0.73 -6.31 -13.26
C ALA A 574 -0.31 -7.65 -13.83
N GLY A 575 -1.19 -8.32 -14.57
CA GLY A 575 -0.92 -9.67 -15.11
C GLY A 575 -1.95 -10.66 -14.55
N GLN A 576 -1.90 -11.92 -14.95
CA GLN A 576 -2.89 -12.88 -14.51
C GLN A 576 -2.63 -13.32 -13.08
N VAL A 577 -3.73 -13.48 -12.34
CA VAL A 577 -3.69 -13.95 -11.00
C VAL A 577 -4.55 -15.22 -10.93
N MET A 578 -4.04 -16.32 -10.37
CA MET A 578 -4.82 -17.52 -10.16
C MET A 578 -5.33 -17.51 -8.74
N TYR A 579 -6.64 -17.77 -8.56
CA TYR A 579 -7.24 -17.80 -7.23
C TYR A 579 -7.75 -19.16 -7.00
N GLU A 580 -7.71 -19.56 -5.79
CA GLU A 580 -8.24 -20.82 -5.34
C GLU A 580 -9.52 -20.45 -4.61
N ILE A 581 -10.51 -21.34 -4.70
CA ILE A 581 -11.88 -21.12 -4.17
C ILE A 581 -12.18 -21.67 -2.80
N GLN A 582 -11.23 -22.44 -2.25
CA GLN A 582 -11.52 -23.05 -1.00
C GLN A 582 -12.09 -22.14 0.08
N ASP A 583 -13.19 -22.58 0.70
CA ASP A 583 -13.77 -21.84 1.80
C ASP A 583 -14.39 -20.48 1.40
N TRP A 584 -14.43 -20.17 0.13
CA TRP A 584 -15.04 -18.89 -0.23
C TRP A 584 -16.44 -18.74 0.28
N LEU A 585 -17.26 -19.78 0.20
CA LEU A 585 -18.64 -19.67 0.70
C LEU A 585 -18.72 -19.28 2.14
N GLU A 586 -17.79 -19.83 2.88
CA GLU A 586 -17.77 -19.58 4.26
C GLU A 586 -17.24 -18.21 4.52
N LYS A 587 -16.20 -17.85 3.75
CA LYS A 587 -15.66 -16.50 3.96
C LYS A 587 -16.70 -15.38 3.66
N ASN A 588 -17.61 -15.65 2.74
CA ASN A 588 -18.63 -14.75 2.25
C ASN A 588 -19.70 -14.52 3.24
N LYS A 589 -19.96 -15.52 4.07
CA LYS A 589 -21.01 -15.38 5.06
C LYS A 589 -20.44 -15.03 6.45
N ASP A 590 -19.18 -15.43 6.67
CA ASP A 590 -18.53 -15.20 7.91
C ASP A 590 -19.45 -15.65 9.06
N PRO A 591 -20.03 -16.84 8.99
CA PRO A 591 -21.02 -17.28 9.99
C PRO A 591 -20.55 -17.40 11.45
N LEU A 592 -21.49 -17.17 12.38
CA LEU A 592 -21.24 -17.30 13.84
C LEU A 592 -22.52 -17.87 14.44
N GLN A 593 -22.41 -18.97 15.15
CA GLN A 593 -23.61 -19.60 15.69
C GLN A 593 -24.51 -18.57 16.44
N GLN A 594 -25.81 -18.55 16.19
CA GLN A 594 -26.66 -17.63 16.95
C GLN A 594 -26.56 -17.80 18.48
N ASP A 595 -26.36 -19.05 18.92
CA ASP A 595 -26.23 -19.33 20.34
C ASP A 595 -25.07 -18.62 20.96
N LEU A 596 -24.00 -18.51 20.19
CA LEU A 596 -22.83 -17.82 20.70
C LEU A 596 -23.13 -16.34 20.79
N GLU A 597 -23.84 -15.79 19.78
CA GLU A 597 -24.27 -14.40 19.83
C GLU A 597 -25.06 -14.23 21.12
N LEU A 598 -26.04 -15.12 21.33
CA LEU A 598 -26.82 -15.05 22.57
C LEU A 598 -25.98 -15.04 23.85
N CYS A 599 -25.09 -16.00 23.93
CA CYS A 599 -24.25 -16.08 25.10
C CYS A 599 -23.56 -14.77 25.45
N PHE A 600 -22.88 -14.19 24.47
CA PHE A 600 -22.11 -12.99 24.58
C PHE A 600 -22.98 -11.73 24.74
N LYS A 601 -24.17 -11.76 24.15
CA LYS A 601 -25.01 -10.58 24.32
C LYS A 601 -25.35 -10.21 25.79
N ASP A 602 -25.25 -11.23 26.65
CA ASP A 602 -25.50 -11.24 28.09
C ASP A 602 -24.23 -11.05 28.89
N SER A 603 -23.12 -10.75 28.24
CA SER A 603 -21.90 -10.61 28.99
C SER A 603 -22.04 -9.57 30.07
N SER A 604 -21.37 -9.77 31.15
CA SER A 604 -21.44 -8.73 32.13
C SER A 604 -20.39 -7.65 31.86
N ASP A 605 -19.60 -7.83 30.79
CA ASP A 605 -18.56 -6.84 30.49
C ASP A 605 -19.13 -5.67 29.72
N ASN A 606 -18.61 -4.51 30.04
CA ASN A 606 -19.07 -3.29 29.41
C ASN A 606 -18.73 -3.00 27.94
N VAL A 607 -17.62 -3.58 27.56
CA VAL A 607 -17.12 -3.46 26.19
C VAL A 607 -17.76 -4.60 25.33
N VAL A 608 -17.74 -5.79 25.95
CA VAL A 608 -18.29 -6.99 25.39
C VAL A 608 -19.65 -6.82 24.87
N THR A 609 -20.43 -6.28 25.73
CA THR A 609 -21.79 -6.08 25.38
C THR A 609 -22.01 -5.22 24.15
N LYS A 610 -21.10 -4.24 23.97
CA LYS A 610 -21.21 -3.39 22.80
C LYS A 610 -20.93 -4.20 21.52
N LEU A 611 -19.94 -5.11 21.56
CA LEU A 611 -19.52 -5.92 20.41
C LEU A 611 -20.62 -6.81 19.94
N PHE A 612 -21.52 -7.19 20.85
CA PHE A 612 -22.65 -8.01 20.45
C PHE A 612 -24.03 -7.31 20.43
N ASN A 613 -24.19 -6.18 21.12
CA ASN A 613 -25.49 -5.53 21.16
C ASN A 613 -25.65 -4.24 20.34
N ASP A 614 -24.54 -3.73 19.76
CA ASP A 614 -24.53 -2.57 18.87
C ASP A 614 -24.52 -3.10 17.41
N PRO A 615 -25.61 -2.97 16.74
CA PRO A 615 -25.76 -3.46 15.38
C PRO A 615 -24.75 -2.94 14.37
N ASN A 616 -24.15 -1.85 14.74
CA ASN A 616 -23.15 -1.22 13.90
C ASN A 616 -21.77 -1.91 14.00
N ILE A 617 -21.59 -2.74 14.97
CA ILE A 617 -20.39 -3.49 15.19
C ILE A 617 -20.73 -4.95 15.01
N ALA A 618 -21.82 -5.41 15.60
CA ALA A 618 -22.17 -6.82 15.53
C ALA A 618 -22.64 -7.35 14.20
N SER A 619 -22.99 -6.46 13.27
CA SER A 619 -23.50 -6.84 11.96
C SER A 619 -23.05 -5.97 10.82
N ARG A 620 -23.12 -6.59 9.65
CA ARG A 620 -22.73 -6.03 8.41
C ARG A 620 -23.69 -4.97 7.90
N ALA A 621 -24.90 -5.34 7.67
CA ALA A 621 -25.82 -4.35 7.16
C ALA A 621 -26.52 -3.71 8.34
N PHE A 627 -29.09 -9.24 5.99
CA PHE A 627 -27.76 -8.70 5.91
C PHE A 627 -27.06 -9.06 4.60
N ILE A 628 -26.13 -8.22 4.25
CA ILE A 628 -25.39 -8.41 3.06
C ILE A 628 -24.10 -9.16 3.34
N THR A 629 -23.65 -9.87 2.24
CA THR A 629 -22.52 -10.74 2.39
C THR A 629 -21.27 -9.90 2.60
N VAL A 630 -20.14 -10.59 2.82
CA VAL A 630 -18.84 -9.97 2.98
C VAL A 630 -18.45 -9.35 1.64
N ALA A 631 -18.77 -10.08 0.55
CA ALA A 631 -18.48 -9.45 -0.73
C ALA A 631 -19.23 -8.18 -1.01
N ALA A 632 -20.53 -8.19 -0.75
CA ALA A 632 -21.37 -7.02 -1.03
C ALA A 632 -20.90 -5.86 -0.14
N GLN A 633 -20.55 -6.14 1.10
CA GLN A 633 -20.05 -5.06 1.94
C GLN A 633 -18.73 -4.51 1.38
N TYR A 634 -17.85 -5.38 0.90
CA TYR A 634 -16.61 -4.91 0.39
C TYR A 634 -16.83 -4.08 -0.83
N LYS A 635 -17.73 -4.49 -1.68
CA LYS A 635 -17.95 -3.72 -2.90
C LYS A 635 -18.53 -2.30 -2.57
N GLU A 636 -19.36 -2.29 -1.53
CA GLU A 636 -20.01 -1.07 -1.09
C GLU A 636 -18.98 -0.13 -0.48
N GLN A 637 -18.15 -0.66 0.38
CA GLN A 637 -17.11 0.14 0.95
C GLN A 637 -16.14 0.67 -0.08
N LEU A 638 -15.85 -0.12 -1.05
CA LEU A 638 -14.92 0.32 -2.02
C LEU A 638 -15.52 1.45 -2.86
N ALA A 639 -16.83 1.32 -3.21
CA ALA A 639 -17.49 2.38 -4.01
C ALA A 639 -17.54 3.72 -3.13
N SER A 640 -17.76 3.58 -1.80
CA SER A 640 -17.77 4.82 -1.04
C SER A 640 -16.42 5.47 -1.09
N LEU A 641 -15.41 4.66 -0.88
CA LEU A 641 -14.06 5.17 -0.90
C LEU A 641 -13.79 5.87 -2.23
N MET A 642 -14.11 5.22 -3.35
CA MET A 642 -13.83 5.79 -4.62
C MET A 642 -14.59 7.09 -4.77
N ALA A 643 -15.76 7.08 -4.19
CA ALA A 643 -16.56 8.28 -4.35
C ALA A 643 -15.87 9.44 -3.63
N THR A 644 -15.34 9.21 -2.42
CA THR A 644 -14.64 10.28 -1.76
C THR A 644 -13.44 10.75 -2.56
N LEU A 645 -12.63 9.80 -2.99
CA LEU A 645 -11.44 10.07 -3.74
C LEU A 645 -11.72 10.97 -4.92
N GLU A 646 -12.84 10.65 -5.60
CA GLU A 646 -13.28 11.37 -6.77
C GLU A 646 -13.54 12.85 -6.48
N THR A 647 -13.82 13.14 -5.23
CA THR A 647 -14.01 14.54 -4.86
C THR A 647 -12.70 15.22 -4.49
N THR A 648 -11.54 14.53 -4.52
CA THR A 648 -10.31 15.16 -4.12
C THR A 648 -9.39 15.39 -5.25
N ASN A 649 -8.32 16.13 -4.92
CA ASN A 649 -7.21 16.33 -5.84
C ASN A 649 -6.18 15.24 -5.31
N PRO A 650 -5.89 14.19 -6.11
CA PRO A 650 -5.09 13.11 -5.62
C PRO A 650 -3.60 13.26 -5.92
N HIS A 651 -2.83 12.55 -5.06
CA HIS A 651 -1.39 12.49 -5.08
C HIS A 651 -1.07 11.02 -4.94
N PHE A 652 -0.07 10.59 -5.70
CA PHE A 652 0.27 9.16 -5.74
C PHE A 652 1.68 8.81 -5.34
N VAL A 653 1.81 7.99 -4.31
CA VAL A 653 3.11 7.53 -3.85
C VAL A 653 3.18 5.96 -4.03
N ARG A 654 4.18 5.54 -4.81
CA ARG A 654 4.40 4.15 -5.04
C ARG A 654 5.64 3.78 -4.26
N CYS A 655 5.43 3.06 -3.19
CA CYS A 655 6.56 2.56 -2.38
C CYS A 655 7.02 1.24 -2.99
N ILE A 656 8.32 0.98 -3.03
CA ILE A 656 8.86 -0.27 -3.65
C ILE A 656 9.84 -0.95 -2.76
N ILE A 657 9.80 -2.24 -2.70
CA ILE A 657 10.81 -2.89 -1.85
C ILE A 657 12.03 -3.18 -2.73
N PRO A 658 13.23 -3.01 -2.22
CA PRO A 658 14.38 -3.19 -3.07
C PRO A 658 14.76 -4.70 -3.39
N ASN A 659 14.35 -5.62 -2.51
CA ASN A 659 14.68 -7.05 -2.61
C ASN A 659 13.75 -7.73 -1.66
N ASN A 660 13.78 -9.06 -1.65
CA ASN A 660 12.87 -9.77 -0.76
C ASN A 660 13.47 -10.19 0.56
N LYS A 661 14.60 -9.63 0.90
CA LYS A 661 15.27 -10.02 2.11
C LYS A 661 15.29 -8.92 3.12
N GLN A 662 14.57 -7.82 2.90
CA GLN A 662 14.72 -6.85 3.98
C GLN A 662 16.16 -6.38 4.28
N LEU A 663 17.01 -6.31 3.27
CA LEU A 663 18.39 -5.87 3.44
C LEU A 663 18.65 -4.51 2.83
N PRO A 664 19.60 -3.68 3.40
CA PRO A 664 19.92 -2.38 2.77
C PRO A 664 20.97 -2.65 1.72
N ALA A 665 21.13 -1.70 0.85
CA ALA A 665 22.19 -1.71 -0.17
C ALA A 665 22.11 -2.89 -1.07
N LYS A 666 20.90 -3.31 -1.30
CA LYS A 666 20.82 -4.46 -2.20
C LYS A 666 19.62 -4.29 -3.12
N LEU A 667 19.75 -3.45 -4.14
CA LEU A 667 18.64 -3.17 -5.00
C LEU A 667 18.70 -4.14 -6.13
N GLU A 668 17.72 -5.05 -6.14
CA GLU A 668 17.59 -6.15 -7.14
C GLU A 668 16.72 -5.77 -8.33
N ASP A 669 17.34 -5.77 -9.47
CA ASP A 669 16.65 -5.38 -10.64
C ASP A 669 15.38 -6.10 -10.91
N LYS A 670 15.35 -7.39 -10.72
CA LYS A 670 14.12 -8.09 -11.12
C LYS A 670 13.00 -7.79 -10.16
N VAL A 671 13.44 -7.68 -8.89
CA VAL A 671 12.48 -7.42 -7.82
C VAL A 671 11.81 -6.07 -8.02
N VAL A 672 12.66 -5.14 -8.38
CA VAL A 672 12.28 -3.76 -8.61
C VAL A 672 11.47 -3.61 -9.86
N LEU A 673 11.97 -4.07 -11.02
CA LEU A 673 11.20 -3.89 -12.28
C LEU A 673 9.80 -4.45 -12.31
N ASP A 674 9.65 -5.56 -11.63
CA ASP A 674 8.39 -6.27 -11.55
C ASP A 674 7.41 -5.37 -10.81
N GLN A 675 7.88 -4.67 -9.72
CA GLN A 675 6.93 -3.78 -9.00
C GLN A 675 6.56 -2.58 -9.87
N LEU A 676 7.55 -2.06 -10.62
CA LEU A 676 7.35 -0.94 -11.50
C LEU A 676 6.40 -1.38 -12.60
N ARG A 677 6.50 -2.63 -13.09
CA ARG A 677 5.54 -3.07 -14.13
C ARG A 677 4.11 -3.16 -13.44
N CYS A 678 4.03 -3.64 -12.23
CA CYS A 678 2.70 -3.76 -11.66
C CYS A 678 2.05 -2.54 -11.10
N ASN A 679 2.81 -1.55 -10.69
CA ASN A 679 2.19 -0.46 -10.01
C ASN A 679 1.87 0.69 -10.87
N GLY A 680 2.02 0.47 -12.19
CA GLY A 680 1.70 1.58 -13.12
C GLY A 680 2.81 2.60 -13.48
N VAL A 681 3.98 2.60 -12.82
CA VAL A 681 5.04 3.53 -13.14
C VAL A 681 5.56 3.34 -14.56
N LEU A 682 5.92 2.11 -15.02
CA LEU A 682 6.43 1.95 -16.40
C LEU A 682 5.38 2.21 -17.49
N GLU A 683 4.11 1.87 -17.17
CA GLU A 683 3.05 2.13 -18.15
C GLU A 683 2.88 3.65 -18.32
N GLY A 684 2.89 4.37 -17.20
CA GLY A 684 2.76 5.79 -17.26
C GLY A 684 3.82 6.32 -18.15
N ILE A 685 5.01 5.77 -17.97
CA ILE A 685 6.14 6.27 -18.76
C ILE A 685 5.98 5.85 -20.20
N ARG A 686 5.50 4.64 -20.45
CA ARG A 686 5.35 4.23 -21.82
C ARG A 686 4.54 5.28 -22.59
N ILE A 687 3.41 5.63 -21.95
CA ILE A 687 2.41 6.62 -22.43
C ILE A 687 2.98 8.00 -22.75
N THR A 688 3.77 8.46 -21.82
CA THR A 688 4.46 9.72 -21.84
C THR A 688 5.56 9.77 -22.92
N ARG A 689 6.37 8.73 -22.95
CA ARG A 689 7.47 8.62 -23.89
C ARG A 689 6.99 8.80 -25.31
N LYS A 690 5.78 8.39 -25.59
CA LYS A 690 5.25 8.49 -26.92
C LYS A 690 5.05 9.92 -27.44
N GLY A 691 4.75 10.86 -26.55
CA GLY A 691 4.54 12.25 -27.02
C GLY A 691 5.75 13.17 -26.89
N PHE A 692 5.65 14.03 -25.90
CA PHE A 692 6.64 15.06 -25.58
C PHE A 692 6.93 14.98 -24.10
N PRO A 693 7.60 13.88 -23.79
CA PRO A 693 8.06 13.56 -22.44
C PRO A 693 8.90 14.68 -21.82
N ASN A 694 9.72 15.32 -22.67
CA ASN A 694 10.60 16.35 -22.19
C ASN A 694 10.01 17.71 -22.42
N ARG A 695 10.00 18.46 -21.35
CA ARG A 695 9.40 19.77 -21.42
C ARG A 695 10.23 20.73 -20.58
N ILE A 696 10.93 21.67 -21.21
CA ILE A 696 11.79 22.54 -20.42
C ILE A 696 11.47 24.03 -20.59
N ILE A 697 11.66 24.76 -19.46
CA ILE A 697 11.44 26.20 -19.41
C ILE A 697 12.55 26.79 -20.25
N TYR A 698 12.16 27.68 -21.18
CA TYR A 698 13.06 28.33 -22.13
C TYR A 698 14.44 28.68 -21.60
N ALA A 699 14.43 29.53 -20.57
CA ALA A 699 15.66 30.01 -19.95
C ALA A 699 16.50 28.87 -19.41
N ASP A 700 15.84 27.85 -18.84
CA ASP A 700 16.51 26.65 -18.36
C ASP A 700 17.32 26.06 -19.51
N PHE A 701 16.66 25.92 -20.68
CA PHE A 701 17.32 25.39 -21.85
C PHE A 701 18.60 26.16 -22.27
N VAL A 702 18.49 27.50 -22.36
CA VAL A 702 19.58 28.38 -22.81
C VAL A 702 20.69 28.40 -21.83
N LYS A 703 20.27 28.41 -20.58
CA LYS A 703 21.30 28.49 -19.57
C LYS A 703 22.37 27.43 -19.81
N ARG A 704 21.94 26.22 -20.23
CA ARG A 704 22.80 25.06 -20.50
C ARG A 704 23.30 24.99 -21.92
N TYR A 705 22.44 25.25 -22.89
CA TYR A 705 22.85 25.09 -24.28
C TYR A 705 23.31 26.25 -25.14
N TYR A 706 23.37 27.44 -24.56
CA TYR A 706 23.81 28.67 -25.24
C TYR A 706 25.06 28.51 -26.12
N LEU A 707 26.06 27.78 -25.57
CA LEU A 707 27.42 27.53 -26.09
C LEU A 707 27.46 26.66 -27.33
N LEU A 708 26.29 26.14 -27.62
CA LEU A 708 26.19 25.23 -28.74
C LEU A 708 25.98 25.93 -30.09
N ALA A 709 25.46 27.16 -30.04
CA ALA A 709 25.16 27.95 -31.21
C ALA A 709 26.03 29.16 -31.25
N PRO A 710 26.52 29.47 -32.47
CA PRO A 710 27.38 30.60 -32.61
C PRO A 710 26.43 31.77 -32.58
N ASN A 711 25.94 32.11 -31.39
CA ASN A 711 24.97 33.16 -31.36
C ASN A 711 24.50 33.65 -29.98
N VAL A 712 24.05 32.71 -29.15
CA VAL A 712 23.41 33.00 -27.88
C VAL A 712 24.11 33.09 -26.55
N PRO A 713 23.63 34.12 -25.88
CA PRO A 713 24.03 34.58 -24.58
C PRO A 713 23.34 33.74 -23.53
N ARG A 714 24.14 33.16 -22.63
CA ARG A 714 23.61 32.31 -21.56
C ARG A 714 22.31 32.85 -20.98
N ASP A 715 22.34 34.13 -20.52
CA ASP A 715 21.16 34.80 -19.94
C ASP A 715 20.50 35.81 -20.88
N ALA A 716 19.85 35.31 -21.91
CA ALA A 716 19.13 36.19 -22.84
C ALA A 716 17.77 36.59 -22.29
N GLU A 717 17.20 37.65 -22.86
CA GLU A 717 15.90 38.03 -22.34
C GLU A 717 14.76 37.57 -23.24
N ASP A 718 15.17 37.05 -24.41
CA ASP A 718 14.23 36.49 -25.34
C ASP A 718 14.50 34.99 -25.38
N SER A 719 14.18 34.34 -24.24
CA SER A 719 14.40 32.90 -23.96
C SER A 719 13.90 31.93 -25.01
N GLN A 720 12.74 32.20 -25.52
CA GLN A 720 12.24 31.35 -26.54
C GLN A 720 13.09 31.47 -27.81
N LYS A 721 13.27 32.72 -28.25
CA LYS A 721 14.06 33.02 -29.43
C LYS A 721 15.39 32.31 -29.30
N ALA A 722 15.98 32.58 -28.15
CA ALA A 722 17.24 32.01 -27.80
C ALA A 722 17.21 30.50 -28.11
N THR A 723 16.15 29.88 -27.61
CA THR A 723 15.91 28.44 -27.78
C THR A 723 16.00 28.00 -29.24
N ASP A 724 15.05 28.55 -30.03
CA ASP A 724 14.90 28.40 -31.46
C ASP A 724 16.22 28.65 -32.17
N ALA A 725 17.03 29.53 -31.56
CA ALA A 725 18.36 29.82 -32.10
C ALA A 725 19.19 28.56 -32.13
N VAL A 726 19.45 28.05 -30.92
CA VAL A 726 20.23 26.85 -30.75
C VAL A 726 19.74 25.76 -31.69
N LEU A 727 18.42 25.56 -31.61
CA LEU A 727 17.72 24.56 -32.40
C LEU A 727 18.09 24.68 -33.85
N LYS A 728 17.94 25.91 -34.29
CA LYS A 728 18.28 26.28 -35.64
C LYS A 728 19.73 26.00 -35.97
N HIS A 729 20.61 26.38 -35.04
CA HIS A 729 22.01 26.13 -35.29
C HIS A 729 22.26 24.66 -35.58
N LEU A 730 21.73 23.83 -34.69
CA LEU A 730 21.77 22.38 -34.73
C LEU A 730 20.95 21.70 -35.82
N ASN A 731 20.18 22.48 -36.60
CA ASN A 731 19.37 21.92 -37.65
C ASN A 731 18.53 20.76 -37.09
N ILE A 732 17.99 20.93 -35.90
CA ILE A 732 17.19 19.84 -35.38
C ILE A 732 15.89 19.68 -36.16
N ASP A 733 15.38 18.45 -36.22
CA ASP A 733 14.14 18.17 -36.93
C ASP A 733 13.00 18.76 -36.19
N PRO A 734 12.41 19.78 -36.80
CA PRO A 734 11.25 20.45 -36.27
C PRO A 734 10.16 19.48 -35.74
N GLU A 735 9.97 18.32 -36.36
CA GLU A 735 8.96 17.41 -35.86
C GLU A 735 9.20 16.96 -34.43
N GLN A 736 10.48 17.03 -34.03
CA GLN A 736 10.98 16.58 -32.70
C GLN A 736 10.76 17.47 -31.52
N TYR A 737 10.24 18.65 -31.78
CA TYR A 737 10.00 19.55 -30.68
C TYR A 737 8.80 20.44 -30.96
N ARG A 738 8.35 21.02 -29.76
CA ARG A 738 7.15 21.84 -29.88
C ARG A 738 7.30 23.09 -29.06
N PHE A 739 7.13 24.25 -29.74
CA PHE A 739 7.17 25.60 -29.11
C PHE A 739 5.99 25.85 -28.19
N GLY A 740 6.26 25.77 -26.91
CA GLY A 740 5.15 25.99 -26.03
C GLY A 740 5.25 27.34 -25.39
N ILE A 741 4.13 27.76 -24.86
CA ILE A 741 4.05 29.03 -24.18
C ILE A 741 5.17 29.30 -23.17
N THR A 742 5.57 28.30 -22.39
CA THR A 742 6.61 28.61 -21.44
C THR A 742 7.74 27.64 -21.45
N LYS A 743 7.55 26.58 -22.22
CA LYS A 743 8.58 25.57 -22.26
C LYS A 743 8.71 25.01 -23.62
N ILE A 744 9.87 24.44 -23.81
CA ILE A 744 10.07 23.75 -25.06
C ILE A 744 9.82 22.27 -24.77
N PHE A 745 8.94 21.70 -25.61
CA PHE A 745 8.54 20.29 -25.58
C PHE A 745 9.31 19.54 -26.63
N PHE A 746 9.93 18.50 -26.10
CA PHE A 746 10.80 17.56 -26.81
C PHE A 746 10.36 16.13 -26.68
N ARG A 747 10.33 15.51 -27.89
CA ARG A 747 10.05 14.08 -28.10
C ARG A 747 11.22 13.26 -27.57
N ALA A 748 10.93 11.99 -27.41
CA ALA A 748 11.87 11.07 -26.83
C ALA A 748 13.19 11.10 -27.53
N GLY A 749 14.29 11.14 -26.76
CA GLY A 749 15.61 11.13 -27.37
C GLY A 749 16.18 12.44 -27.89
N GLN A 750 15.31 13.33 -28.28
CA GLN A 750 15.82 14.56 -28.81
C GLN A 750 16.82 15.24 -27.88
N LEU A 751 16.36 15.43 -26.68
CA LEU A 751 17.16 16.12 -25.71
C LEU A 751 18.51 15.45 -25.53
N ALA A 752 18.56 14.15 -25.57
CA ALA A 752 19.86 13.51 -25.38
C ALA A 752 20.85 13.84 -26.52
N ARG A 753 20.32 13.90 -27.74
CA ARG A 753 21.17 14.18 -28.86
C ARG A 753 21.72 15.58 -28.74
N ILE A 754 20.84 16.47 -28.25
CA ILE A 754 21.14 17.87 -28.03
C ILE A 754 22.30 18.03 -27.06
N GLU A 755 22.18 17.23 -26.01
CA GLU A 755 23.14 17.14 -24.97
C GLU A 755 24.46 16.67 -25.56
N GLU A 756 24.36 15.68 -26.47
CA GLU A 756 25.48 15.04 -27.17
C GLU A 756 26.18 15.98 -28.19
N ALA A 757 25.64 17.19 -28.31
CA ALA A 757 26.14 18.19 -29.25
C ALA A 757 27.43 18.88 -28.83
N ARG A 758 28.30 19.21 -29.82
CA ARG A 758 29.58 19.86 -29.58
C ARG A 758 29.39 21.30 -29.15
N GLU A 759 30.31 21.87 -28.35
CA GLU A 759 30.12 23.26 -27.96
C GLU A 759 30.82 24.21 -28.91
MG MG B . 2.03 -1.11 6.54
BE MNQ C . 2.86 -3.89 4.96
F1 MNQ C . 2.10 -4.05 3.66
F2 MNQ C . 2.00 -3.07 5.96
F3 MNQ C . 3.36 -5.22 5.64
PB MNQ C . 4.48 -1.44 4.54
OB1 MNQ C . 4.51 -1.04 3.12
OB2 MNQ C . 3.50 -0.67 5.44
OB3 MNQ C . 4.18 -3.02 4.70
OA3 MNQ C . 5.94 -1.26 5.18
PA MNQ C . 6.39 -0.41 6.43
OA1 MNQ C . 5.87 1.04 6.28
OA2 MNQ C . 5.94 -1.07 7.68
OE2 MNQ C . 7.93 -0.31 6.27
NA3 MNQ C . 10.92 -1.90 7.64
CA2 MNQ C . 10.14 -1.01 6.70
CA1 MNQ C . 8.75 -1.47 6.34
C1 MNQ C . 12.16 -1.25 7.78
C6 MNQ C . 13.24 -1.68 8.61
C5 MNQ C . 14.44 -0.84 8.63
C4 MNQ C . 14.44 0.38 8.09
C3 MNQ C . 13.32 0.78 7.27
C2 MNQ C . 12.22 -0.02 7.19
N3 MNQ C . 13.14 2.01 6.56
O3A MNQ C . 12.06 2.21 5.94
O3B MNQ C . 14.12 2.91 6.47
#